data_2OO0
#
_entry.id   2OO0
#
_cell.length_a   108.018
_cell.length_b   87.110
_cell.length_c   130.080
_cell.angle_alpha   90.00
_cell.angle_beta   91.02
_cell.angle_gamma   90.00
#
_symmetry.space_group_name_H-M   'C 1 2 1'
#
loop_
_entity.id
_entity.type
_entity.pdbx_description
1 polymer 'Ornithine decarboxylase'
2 non-polymer 'ACETATE ION'
3 non-polymer "PYRIDOXAL-5'-PHOSPHATE"
4 non-polymer 3-AMINOOXY-1-AMINOPROPANE
5 non-polymer PENTANE-1,5-DIAMINE
6 water water
#
_entity_poly.entity_id   1
_entity_poly.type   'polypeptide(L)'
_entity_poly.pdbx_seq_one_letter_code
;AGENLYFQSLMNNFGNEEFDCHFLDEGFTAKDILDQKINEVSSSDDKDAFYVADLGDILKKHLRWLKALPRVTPFYAVKC
NDSKAIVKTLAATGTGFDCASKTEIQLVQSLGVPPERIIYANPCKQVSQIKYAANNGVQMMTFDSEVELMKVARAHPKAK
LVLRIATDDSKAVCRLSVKFGATLRTSRLLLERAKELNIDVVGVSFHVGSGCTDPETFVQAISDARCVFDMGAEVGFSMY
LLDIGGGFPGSEDVKLKFEEITGVINPALDKYFPSDSGVRIIAEPGRYYVASAFTLAVNIIAKKIVLKEQTGSDDEDESS
EQTFMYYVNDGVYGSFNCILYDHAHVKPLLQKRPKPDEKYYSSSIWGPTCDGLDRIVERCDLPEMHVGDWMLFENMGAYT
VAAASTFNGFQRPTIYYVMSGPAWQLMQQFQNPDFPPEVEEQDASTLPVSCAWESGMKRHRAACASASINV
;
_entity_poly.pdbx_strand_id   A,B
#
# COMPACT_ATOMS: atom_id res chain seq x y z
N ALA A 1 12.25 28.99 -29.31
CA ALA A 1 11.56 28.44 -30.53
C ALA A 1 12.37 27.28 -31.13
N GLY A 2 13.49 27.61 -31.79
CA GLY A 2 14.46 26.60 -32.20
C GLY A 2 15.13 26.07 -30.95
N GLU A 3 15.43 27.00 -30.03
CA GLU A 3 16.04 26.69 -28.75
C GLU A 3 15.14 25.76 -27.93
N ASN A 4 13.85 26.05 -27.92
CA ASN A 4 12.87 25.25 -27.18
C ASN A 4 12.75 23.81 -27.71
N LEU A 5 12.65 23.66 -29.02
CA LEU A 5 12.59 22.33 -29.65
C LEU A 5 13.89 21.54 -29.48
N TYR A 6 15.01 22.25 -29.31
CA TYR A 6 16.29 21.62 -29.01
C TYR A 6 16.26 21.01 -27.61
N PHE A 7 15.88 21.81 -26.61
CA PHE A 7 15.77 21.30 -25.25
C PHE A 7 14.77 20.17 -25.11
N GLN A 8 13.62 20.29 -25.76
CA GLN A 8 12.61 19.22 -25.77
C GLN A 8 13.13 17.92 -26.36
N SER A 9 13.88 18.02 -27.46
CA SER A 9 14.51 16.83 -28.06
C SER A 9 15.40 16.12 -27.05
N LEU A 10 16.22 16.88 -26.34
CA LEU A 10 17.12 16.31 -25.35
C LEU A 10 16.38 15.73 -24.14
N MET A 11 15.27 16.37 -23.78
CA MET A 11 14.42 15.88 -22.69
C MET A 11 13.66 14.62 -23.10
N ASN A 12 13.34 14.51 -24.39
CA ASN A 12 12.76 13.30 -24.96
C ASN A 12 13.73 12.12 -24.89
N ASN A 13 15.00 12.39 -25.18
CA ASN A 13 16.06 11.38 -25.06
C ASN A 13 16.25 10.94 -23.61
N PHE A 14 16.25 11.92 -22.71
CA PHE A 14 16.33 11.73 -21.24
C PHE A 14 15.19 10.84 -20.76
N GLY A 15 13.98 11.14 -21.21
CA GLY A 15 12.79 10.34 -20.92
C GLY A 15 12.91 8.90 -21.38
N ASN A 16 13.50 8.72 -22.57
CA ASN A 16 13.85 7.40 -23.11
C ASN A 16 12.64 6.46 -23.26
N GLU A 17 11.48 7.03 -23.56
CA GLU A 17 10.22 6.29 -23.70
C GLU A 17 9.76 5.60 -22.40
N GLU A 18 10.38 5.96 -21.28
CA GLU A 18 10.03 5.45 -19.95
C GLU A 18 9.22 6.48 -19.17
N PHE A 19 9.61 7.75 -19.28
CA PHE A 19 8.82 8.84 -18.70
C PHE A 19 8.73 10.01 -19.66
N ASP A 20 7.72 10.87 -19.46
CA ASP A 20 7.56 12.08 -20.26
C ASP A 20 8.13 13.27 -19.49
N CYS A 21 9.14 13.91 -20.08
CA CYS A 21 9.71 15.13 -19.50
C CYS A 21 9.44 16.30 -20.43
N HIS A 22 8.60 17.23 -19.97
CA HIS A 22 8.12 18.35 -20.76
C HIS A 22 8.89 19.63 -20.50
N PHE A 23 9.40 20.22 -21.58
CA PHE A 23 10.17 21.46 -21.48
C PHE A 23 9.30 22.61 -20.99
N LEU A 24 9.77 23.28 -19.95
CA LEU A 24 9.13 24.48 -19.42
C LEU A 24 9.73 25.71 -20.08
N ASP A 25 8.89 26.47 -20.78
CA ASP A 25 9.29 27.74 -21.42
C ASP A 25 9.59 28.80 -20.37
N GLU A 26 10.37 29.80 -20.76
CA GLU A 26 10.55 31.02 -19.97
C GLU A 26 9.20 31.55 -19.51
N GLY A 27 9.07 31.81 -18.22
CA GLY A 27 7.87 32.45 -17.67
C GLY A 27 6.75 31.50 -17.29
N PHE A 28 6.90 30.23 -17.66
CA PHE A 28 5.94 29.18 -17.31
C PHE A 28 6.49 28.29 -16.20
N THR A 29 5.63 27.97 -15.24
CA THR A 29 6.02 27.18 -14.07
C THR A 29 5.34 25.82 -14.12
N ALA A 30 5.75 24.93 -13.20
CA ALA A 30 5.06 23.65 -13.00
C ALA A 30 3.58 23.84 -12.69
N LYS A 31 3.23 24.92 -11.98
CA LYS A 31 1.83 25.26 -11.70
C LYS A 31 1.02 25.57 -12.97
N ASP A 32 1.64 26.28 -13.91
CA ASP A 32 1.01 26.58 -15.20
C ASP A 32 0.74 25.32 -16.00
N ILE A 33 1.69 24.38 -16.00
CA ILE A 33 1.53 23.11 -16.74
C ILE A 33 0.36 22.31 -16.16
N LEU A 34 0.24 22.33 -14.84
CA LEU A 34 -0.89 21.70 -14.18
C LEU A 34 -2.23 22.30 -14.65
N ASP A 35 -2.33 23.62 -14.63
CA ASP A 35 -3.53 24.31 -15.15
C ASP A 35 -3.83 23.98 -16.61
N GLN A 36 -2.79 23.95 -17.44
CA GLN A 36 -2.90 23.62 -18.87
C GLN A 36 -3.44 22.22 -19.11
N LYS A 37 -2.92 21.24 -18.37
CA LYS A 37 -3.41 19.86 -18.49
C LYS A 37 -4.88 19.74 -18.11
N ILE A 38 -5.27 20.50 -17.09
CA ILE A 38 -6.66 20.55 -16.65
C ILE A 38 -7.56 21.21 -17.70
N ASN A 39 -7.11 22.34 -18.26
CA ASN A 39 -7.87 23.03 -19.31
C ASN A 39 -8.07 22.15 -20.54
N GLU A 40 -7.04 21.40 -20.92
CA GLU A 40 -7.09 20.47 -22.05
C GLU A 40 -8.19 19.39 -21.96
N VAL A 41 -8.58 19.02 -20.74
CA VAL A 41 -9.61 17.99 -20.57
C VAL A 41 -10.94 18.56 -20.04
N SER A 42 -11.06 19.89 -20.09
CA SER A 42 -12.20 20.58 -19.49
C SER A 42 -13.55 20.13 -20.03
N SER A 43 -13.62 19.86 -21.34
CA SER A 43 -14.86 19.38 -21.98
C SER A 43 -14.81 17.86 -22.23
N SER A 44 -14.11 17.14 -21.35
CA SER A 44 -13.95 15.70 -21.47
C SER A 44 -14.26 15.03 -20.13
N ASP A 45 -14.50 13.74 -20.15
CA ASP A 45 -14.60 12.96 -18.91
C ASP A 45 -13.31 12.21 -18.58
N ASP A 46 -12.26 12.45 -19.37
CA ASP A 46 -10.94 11.86 -19.10
C ASP A 46 -10.22 12.65 -18.01
N LYS A 47 -10.67 12.46 -16.77
CA LYS A 47 -10.24 13.28 -15.65
C LYS A 47 -9.67 12.43 -14.51
N ASP A 48 -8.79 11.51 -14.89
CA ASP A 48 -8.01 10.73 -13.92
C ASP A 48 -7.08 11.65 -13.12
N ALA A 49 -6.84 11.33 -11.84
CA ALA A 49 -5.83 12.01 -11.04
C ALA A 49 -4.46 11.92 -11.72
N PHE A 50 -3.64 12.95 -11.54
CA PHE A 50 -2.28 12.97 -12.10
C PHE A 50 -1.39 13.87 -11.26
N TYR A 51 -0.10 13.62 -11.35
CA TYR A 51 0.91 14.48 -10.77
C TYR A 51 1.59 15.32 -11.84
N VAL A 52 2.01 16.52 -11.45
CA VAL A 52 3.09 17.21 -12.16
C VAL A 52 4.29 17.23 -11.23
N ALA A 53 5.42 16.69 -11.71
CA ALA A 53 6.67 16.66 -10.96
C ALA A 53 7.72 17.55 -11.60
N ASP A 54 8.18 18.57 -10.86
CA ASP A 54 9.15 19.54 -11.38
C ASP A 54 10.56 19.06 -11.09
N LEU A 55 11.23 18.53 -12.11
CA LEU A 55 12.60 18.05 -11.93
C LEU A 55 13.55 19.23 -11.63
N GLY A 56 13.15 20.42 -12.04
CA GLY A 56 13.87 21.66 -11.69
C GLY A 56 13.87 21.98 -10.21
N ASP A 57 12.79 21.59 -9.52
CA ASP A 57 12.73 21.76 -8.06
C ASP A 57 13.76 20.85 -7.40
N ILE A 58 13.93 19.65 -7.94
CA ILE A 58 14.91 18.72 -7.38
C ILE A 58 16.34 19.28 -7.48
N LEU A 59 16.65 19.86 -8.64
CA LEU A 59 17.94 20.51 -8.90
C LEU A 59 18.19 21.69 -7.97
N LYS A 60 17.16 22.49 -7.74
CA LYS A 60 17.23 23.59 -6.75
C LYS A 60 17.55 23.06 -5.36
N LYS A 61 16.92 21.95 -4.98
CA LYS A 61 17.22 21.31 -3.68
C LYS A 61 18.69 20.90 -3.60
N HIS A 62 19.25 20.38 -4.70
CA HIS A 62 20.66 19.99 -4.70
C HIS A 62 21.60 21.19 -4.48
N LEU A 63 21.38 22.27 -5.24
CA LEU A 63 22.14 23.51 -5.11
C LEU A 63 22.13 24.00 -3.67
N ARG A 64 20.92 24.03 -3.12
CA ARG A 64 20.67 24.46 -1.77
C ARG A 64 21.38 23.56 -0.74
N TRP A 65 21.43 22.26 -1.02
CA TRP A 65 22.13 21.33 -0.14
C TRP A 65 23.63 21.62 -0.17
N LEU A 66 24.19 21.75 -1.36
CA LEU A 66 25.61 22.08 -1.51
C LEU A 66 26.02 23.32 -0.72
N LYS A 67 25.16 24.34 -0.71
CA LYS A 67 25.43 25.59 0.01
C LYS A 67 25.28 25.46 1.51
N ALA A 68 24.21 24.78 1.96
CA ALA A 68 23.92 24.70 3.39
C ALA A 68 24.80 23.69 4.12
N LEU A 69 25.16 22.60 3.43
CA LEU A 69 25.96 21.54 4.05
C LEU A 69 27.20 21.19 3.21
N PRO A 70 28.12 22.16 3.06
CA PRO A 70 29.19 21.99 2.06
C PRO A 70 30.13 20.80 2.28
N ARG A 71 30.21 20.29 3.51
CA ARG A 71 31.09 19.16 3.85
C ARG A 71 30.41 17.78 3.76
N VAL A 72 29.13 17.77 3.39
CA VAL A 72 28.32 16.56 3.47
C VAL A 72 27.82 16.12 2.10
N THR A 73 28.24 14.93 1.68
CA THR A 73 27.79 14.37 0.40
C THR A 73 26.41 13.72 0.57
N PRO A 74 25.40 14.16 -0.20
CA PRO A 74 24.07 13.57 -0.10
C PRO A 74 23.95 12.24 -0.85
N PHE A 75 23.43 11.23 -0.16
CA PHE A 75 23.07 9.95 -0.77
C PHE A 75 21.55 9.85 -0.72
N TYR A 76 20.88 10.04 -1.85
CA TYR A 76 19.41 10.09 -1.86
C TYR A 76 18.77 8.78 -1.39
N ALA A 77 17.84 8.90 -0.44
CA ALA A 77 17.11 7.74 0.06
C ALA A 77 16.07 7.32 -0.99
N VAL A 78 16.46 6.36 -1.85
CA VAL A 78 15.60 5.90 -2.95
C VAL A 78 14.17 5.57 -2.50
N LYS A 79 14.06 4.92 -1.34
CA LYS A 79 12.77 4.48 -0.81
C LYS A 79 11.72 5.59 -0.70
N CYS A 80 12.15 6.83 -0.50
CA CYS A 80 11.23 7.94 -0.29
C CYS A 80 10.35 8.15 -1.53
N ASN A 81 10.97 8.01 -2.70
CA ASN A 81 10.27 8.13 -3.97
C ASN A 81 11.22 7.56 -4.99
N ASP A 82 10.89 6.33 -5.39
CA ASP A 82 11.69 5.52 -6.27
C ASP A 82 11.35 5.70 -7.77
N SER A 83 10.68 6.79 -8.11
CA SER A 83 10.39 7.09 -9.51
C SER A 83 11.70 7.17 -10.29
N LYS A 84 11.75 6.50 -11.44
CA LYS A 84 13.01 6.40 -12.18
C LYS A 84 13.54 7.77 -12.61
N ALA A 85 12.65 8.65 -13.08
CA ALA A 85 13.04 10.02 -13.47
C ALA A 85 13.78 10.79 -12.37
N ILE A 86 13.35 10.60 -11.12
CA ILE A 86 13.99 11.25 -9.96
C ILE A 86 15.40 10.71 -9.74
N VAL A 87 15.51 9.39 -9.71
CA VAL A 87 16.80 8.74 -9.52
C VAL A 87 17.76 9.09 -10.69
N LYS A 88 17.24 9.09 -11.92
CA LYS A 88 18.06 9.43 -13.10
C LYS A 88 18.58 10.87 -13.05
N THR A 89 17.69 11.79 -12.67
CA THR A 89 18.03 13.19 -12.45
C THR A 89 19.15 13.37 -11.42
N LEU A 90 18.99 12.73 -10.27
CA LEU A 90 19.98 12.80 -9.20
C LEU A 90 21.28 12.08 -9.56
N ALA A 91 21.17 11.00 -10.33
CA ALA A 91 22.35 10.28 -10.80
C ALA A 91 23.22 11.19 -11.68
N ALA A 92 22.58 11.91 -12.60
CA ALA A 92 23.27 12.85 -13.50
C ALA A 92 23.88 14.01 -12.72
N THR A 93 23.16 14.46 -11.69
CA THR A 93 23.59 15.52 -10.78
C THR A 93 24.83 15.12 -9.96
N GLY A 94 25.00 13.82 -9.70
CA GLY A 94 26.15 13.31 -8.98
C GLY A 94 25.97 12.91 -7.53
N THR A 95 24.72 12.82 -7.06
CA THR A 95 24.47 12.35 -5.68
C THR A 95 24.85 10.87 -5.54
N GLY A 96 25.08 10.44 -4.30
CA GLY A 96 25.07 9.01 -3.99
C GLY A 96 23.63 8.54 -3.83
N PHE A 97 23.47 7.28 -3.46
CA PHE A 97 22.15 6.68 -3.25
C PHE A 97 22.15 5.74 -2.07
N ASP A 98 21.19 5.94 -1.17
CA ASP A 98 20.93 5.03 -0.07
C ASP A 98 19.87 4.04 -0.58
N CYS A 99 20.29 2.78 -0.71
CA CYS A 99 19.43 1.71 -1.23
C CYS A 99 19.01 0.74 -0.11
N ALA A 100 17.73 0.35 -0.10
CA ALA A 100 17.17 -0.45 1.00
C ALA A 100 17.10 -1.94 0.70
N SER A 101 17.24 -2.29 -0.58
CA SER A 101 17.00 -3.66 -1.03
C SER A 101 17.63 -3.88 -2.38
N LYS A 102 17.63 -5.14 -2.80
CA LYS A 102 18.09 -5.55 -4.11
C LYS A 102 17.46 -4.74 -5.26
N THR A 103 16.13 -4.56 -5.27
CA THR A 103 15.50 -3.87 -6.42
C THR A 103 15.94 -2.41 -6.56
N GLU A 104 16.18 -1.75 -5.41
CA GLU A 104 16.70 -0.37 -5.42
C GLU A 104 18.17 -0.33 -5.89
N ILE A 105 18.96 -1.29 -5.44
CA ILE A 105 20.33 -1.44 -5.97
C ILE A 105 20.27 -1.63 -7.50
N GLN A 106 19.37 -2.51 -7.97
CA GLN A 106 19.23 -2.78 -9.40
C GLN A 106 18.83 -1.53 -10.18
N LEU A 107 17.87 -0.76 -9.65
CA LEU A 107 17.45 0.51 -10.27
C LEU A 107 18.62 1.47 -10.44
N VAL A 108 19.37 1.68 -9.36
CA VAL A 108 20.51 2.59 -9.36
C VAL A 108 21.62 2.10 -10.31
N GLN A 109 21.94 0.80 -10.27
CA GLN A 109 22.99 0.28 -11.13
C GLN A 109 22.59 0.32 -12.62
N SER A 110 21.29 0.22 -12.91
CA SER A 110 20.76 0.30 -14.28
C SER A 110 20.90 1.70 -14.91
N LEU A 111 21.10 2.71 -14.08
CA LEU A 111 21.26 4.07 -14.55
C LEU A 111 22.74 4.46 -14.67
N GLY A 112 23.60 3.46 -14.48
CA GLY A 112 25.04 3.61 -14.71
C GLY A 112 25.82 4.09 -13.50
N VAL A 113 25.17 4.12 -12.34
CA VAL A 113 25.81 4.61 -11.12
C VAL A 113 26.77 3.57 -10.58
N PRO A 114 28.05 3.96 -10.34
CA PRO A 114 29.08 3.06 -9.82
C PRO A 114 28.81 2.66 -8.35
N PRO A 115 29.32 1.49 -7.93
CA PRO A 115 29.04 0.91 -6.60
C PRO A 115 29.49 1.78 -5.44
N GLU A 116 30.50 2.62 -5.67
CA GLU A 116 31.01 3.51 -4.63
C GLU A 116 30.08 4.70 -4.34
N ARG A 117 29.06 4.88 -5.17
CA ARG A 117 28.04 5.91 -4.91
C ARG A 117 26.75 5.31 -4.31
N ILE A 118 26.88 4.11 -3.75
CA ILE A 118 25.76 3.41 -3.12
C ILE A 118 26.09 3.06 -1.69
N ILE A 119 25.18 3.38 -0.77
CA ILE A 119 25.23 2.76 0.54
C ILE A 119 23.99 1.90 0.71
N TYR A 120 24.19 0.66 1.12
CA TYR A 120 23.13 -0.28 1.42
C TYR A 120 22.79 -0.09 2.89
N ALA A 121 21.95 0.92 3.16
CA ALA A 121 21.70 1.42 4.53
C ALA A 121 20.47 0.80 5.20
N ASN A 122 20.32 -0.49 5.01
CA ASN A 122 19.34 -1.32 5.68
C ASN A 122 20.11 -2.17 6.68
N PRO A 123 19.90 -1.93 8.00
CA PRO A 123 20.68 -2.65 9.01
C PRO A 123 20.38 -4.14 9.16
N CYS A 124 19.28 -4.62 8.59
CA CYS A 124 18.81 -5.99 8.85
C CYS A 124 18.38 -6.62 7.54
N LYS A 125 19.36 -7.14 6.81
CA LYS A 125 19.21 -7.52 5.42
C LYS A 125 19.08 -9.02 5.24
N GLN A 126 18.18 -9.42 4.35
CA GLN A 126 18.06 -10.83 3.98
C GLN A 126 19.39 -11.29 3.40
N VAL A 127 19.91 -12.42 3.89
CA VAL A 127 21.21 -12.95 3.39
C VAL A 127 21.32 -13.00 1.85
N SER A 128 20.26 -13.44 1.16
CA SER A 128 20.34 -13.54 -0.31
C SER A 128 20.54 -12.16 -0.93
N GLN A 129 19.98 -11.13 -0.29
CA GLN A 129 20.17 -9.74 -0.76
C GLN A 129 21.55 -9.18 -0.41
N ILE A 130 22.11 -9.59 0.73
CA ILE A 130 23.51 -9.29 1.04
C ILE A 130 24.45 -9.89 -0.03
N LYS A 131 24.20 -11.14 -0.39
CA LYS A 131 24.97 -11.82 -1.45
C LYS A 131 24.85 -11.10 -2.78
N TYR A 132 23.64 -10.65 -3.11
CA TYR A 132 23.44 -9.87 -4.31
C TYR A 132 24.34 -8.62 -4.34
N ALA A 133 24.36 -7.90 -3.23
CA ALA A 133 25.20 -6.72 -3.09
C ALA A 133 26.68 -7.09 -3.31
N ALA A 134 27.12 -8.16 -2.67
CA ALA A 134 28.50 -8.62 -2.76
C ALA A 134 28.88 -8.97 -4.21
N ASN A 135 27.99 -9.71 -4.87
CA ASN A 135 28.15 -10.12 -6.27
C ASN A 135 28.15 -8.93 -7.26
N ASN A 136 27.55 -7.82 -6.85
CA ASN A 136 27.49 -6.65 -7.71
C ASN A 136 28.36 -5.47 -7.27
N GLY A 137 29.29 -5.75 -6.36
CA GLY A 137 30.34 -4.80 -6.00
C GLY A 137 29.93 -3.71 -5.02
N VAL A 138 28.74 -3.86 -4.41
CA VAL A 138 28.29 -2.91 -3.38
C VAL A 138 28.92 -3.31 -2.06
N GLN A 139 29.90 -2.53 -1.63
CA GLN A 139 30.72 -2.86 -0.47
C GLN A 139 30.23 -2.29 0.87
N MET A 140 29.64 -1.10 0.84
CA MET A 140 29.27 -0.42 2.08
C MET A 140 27.84 -0.74 2.51
N MET A 141 27.70 -1.26 3.73
CA MET A 141 26.38 -1.57 4.30
C MET A 141 26.32 -1.15 5.77
N THR A 142 25.11 -0.87 6.27
CA THR A 142 24.96 -0.59 7.70
C THR A 142 24.66 -1.86 8.48
N PHE A 143 24.80 -1.80 9.80
CA PHE A 143 24.40 -2.87 10.70
C PHE A 143 24.26 -2.29 12.13
N ASP A 144 23.57 -3.02 13.00
CA ASP A 144 23.42 -2.60 14.38
C ASP A 144 23.23 -3.78 15.34
N SER A 145 23.67 -4.97 14.90
CA SER A 145 23.47 -6.19 15.66
C SER A 145 24.57 -7.22 15.41
N GLU A 146 24.77 -8.08 16.41
CA GLU A 146 25.75 -9.16 16.35
C GLU A 146 25.40 -10.21 15.31
N VAL A 147 24.11 -10.52 15.20
CA VAL A 147 23.65 -11.46 14.17
C VAL A 147 23.99 -10.92 12.77
N GLU A 148 23.80 -9.61 12.55
CA GLU A 148 24.14 -9.03 11.25
C GLU A 148 25.62 -9.26 10.90
N LEU A 149 26.49 -9.13 11.91
CA LEU A 149 27.91 -9.41 11.72
C LEU A 149 28.16 -10.86 11.29
N MET A 150 27.46 -11.80 11.94
CA MET A 150 27.59 -13.23 11.61
C MET A 150 27.17 -13.48 10.16
N LYS A 151 26.07 -12.86 9.74
CA LYS A 151 25.59 -12.92 8.35
C LYS A 151 26.59 -12.34 7.34
N VAL A 152 27.15 -11.18 7.65
CA VAL A 152 28.13 -10.52 6.80
C VAL A 152 29.43 -11.36 6.70
N ALA A 153 29.83 -11.96 7.82
CA ALA A 153 31.02 -12.81 7.83
C ALA A 153 30.90 -13.98 6.84
N ARG A 154 29.68 -14.47 6.67
CA ARG A 154 29.37 -15.59 5.77
C ARG A 154 29.12 -15.15 4.32
N ALA A 155 28.39 -14.06 4.14
CA ALA A 155 27.84 -13.67 2.82
C ALA A 155 28.55 -12.50 2.13
N HIS A 156 29.29 -11.69 2.90
CA HIS A 156 29.96 -10.51 2.34
C HIS A 156 31.20 -10.17 3.20
N PRO A 157 32.17 -11.10 3.30
CA PRO A 157 33.26 -10.96 4.27
C PRO A 157 34.15 -9.73 4.07
N LYS A 158 34.16 -9.17 2.88
CA LYS A 158 34.99 -8.01 2.57
C LYS A 158 34.25 -6.68 2.60
N ALA A 159 33.00 -6.70 3.07
CA ALA A 159 32.19 -5.48 3.16
C ALA A 159 32.82 -4.44 4.09
N LYS A 160 32.48 -3.17 3.85
CA LYS A 160 32.91 -2.08 4.70
C LYS A 160 31.67 -1.68 5.51
N LEU A 161 31.65 -2.00 6.79
CA LEU A 161 30.44 -1.83 7.60
C LEU A 161 30.38 -0.49 8.30
N VAL A 162 29.16 0.02 8.41
CA VAL A 162 28.89 1.30 9.05
C VAL A 162 27.92 1.00 10.18
N LEU A 163 28.35 1.29 11.40
CA LEU A 163 27.60 0.89 12.59
C LEU A 163 26.54 1.96 12.86
N ARG A 164 25.28 1.57 12.84
CA ARG A 164 24.18 2.52 13.06
C ARG A 164 23.86 2.60 14.55
N ILE A 165 23.84 3.83 15.07
CA ILE A 165 23.63 4.06 16.50
C ILE A 165 22.26 4.69 16.81
N ALA A 166 21.79 4.49 18.04
CA ALA A 166 20.54 5.05 18.54
C ALA A 166 20.54 6.58 18.61
N THR A 167 19.38 7.16 18.35
CA THR A 167 19.20 8.60 18.49
C THR A 167 18.01 8.93 19.41
N ASP A 168 17.89 10.19 19.82
CA ASP A 168 16.68 10.66 20.52
C ASP A 168 15.70 11.18 19.49
N ASP A 169 14.83 10.30 18.98
CA ASP A 169 13.81 10.70 18.01
C ASP A 169 12.43 10.91 18.66
N SER A 170 12.41 11.09 19.98
CA SER A 170 11.17 11.17 20.73
C SER A 170 10.22 12.25 20.21
N LYS A 171 10.77 13.30 19.61
CA LYS A 171 9.96 14.40 19.10
C LYS A 171 9.81 14.42 17.58
N ALA A 172 10.39 13.40 16.93
CA ALA A 172 10.31 13.27 15.48
C ALA A 172 8.92 12.75 15.08
N VAL A 173 8.46 13.15 13.90
CA VAL A 173 7.16 12.68 13.37
C VAL A 173 7.16 11.15 13.19
N CYS A 174 8.23 10.61 12.59
CA CYS A 174 8.33 9.16 12.40
C CYS A 174 9.52 8.62 13.18
N ARG A 175 9.23 7.87 14.25
CA ARG A 175 10.27 7.28 15.11
C ARG A 175 10.83 5.98 14.52
N LEU A 176 12.15 5.87 14.52
CA LEU A 176 12.86 4.71 13.95
C LEU A 176 13.71 3.98 14.98
N SER A 177 14.01 4.65 16.10
CA SER A 177 14.94 4.11 17.09
C SER A 177 14.42 2.89 17.88
N VAL A 178 13.11 2.72 17.94
CA VAL A 178 12.58 1.48 18.53
C VAL A 178 13.05 0.26 17.71
N LYS A 179 13.22 0.45 16.40
CA LYS A 179 13.53 -0.64 15.48
C LYS A 179 15.03 -0.76 15.14
N PHE A 180 15.71 0.38 15.00
CA PHE A 180 17.13 0.39 14.57
C PHE A 180 18.00 1.34 15.41
N GLY A 181 19.28 1.04 15.48
CA GLY A 181 20.25 1.89 16.18
C GLY A 181 20.75 1.25 17.44
N ALA A 182 22.02 0.86 17.46
CA ALA A 182 22.65 0.28 18.63
C ALA A 182 22.90 1.35 19.70
N THR A 183 22.69 1.01 20.97
CA THR A 183 23.13 1.88 22.08
C THR A 183 24.66 1.96 22.05
N LEU A 184 25.22 2.96 22.72
CA LEU A 184 26.67 3.08 22.81
C LEU A 184 27.30 1.86 23.48
N ARG A 185 26.61 1.28 24.45
CA ARG A 185 27.11 0.10 25.15
C ARG A 185 27.20 -1.08 24.19
N THR A 186 26.13 -1.28 23.40
CA THR A 186 26.09 -2.33 22.40
C THR A 186 27.14 -2.07 21.30
N SER A 187 27.32 -0.81 20.92
CA SER A 187 28.30 -0.43 19.89
C SER A 187 29.70 -0.93 20.23
N ARG A 188 30.11 -0.74 21.49
CA ARG A 188 31.42 -1.19 21.95
C ARG A 188 31.58 -2.69 21.71
N LEU A 189 30.57 -3.48 22.09
CA LEU A 189 30.61 -4.93 21.91
C LEU A 189 30.62 -5.31 20.43
N LEU A 190 29.84 -4.60 19.63
CA LEU A 190 29.78 -4.85 18.18
C LEU A 190 31.15 -4.62 17.52
N LEU A 191 31.85 -3.57 17.96
CA LEU A 191 33.19 -3.27 17.46
C LEU A 191 34.17 -4.39 17.78
N GLU A 192 34.14 -4.85 19.02
CA GLU A 192 34.98 -5.96 19.44
C GLU A 192 34.62 -7.26 18.70
N ARG A 193 33.33 -7.53 18.58
CA ARG A 193 32.85 -8.69 17.82
C ARG A 193 33.26 -8.67 16.34
N ALA A 194 33.12 -7.50 15.68
CA ALA A 194 33.55 -7.34 14.29
C ALA A 194 35.04 -7.63 14.13
N LYS A 195 35.82 -7.13 15.09
CA LYS A 195 37.27 -7.32 15.07
C LYS A 195 37.64 -8.81 15.15
N GLU A 196 36.99 -9.56 16.06
CA GLU A 196 37.13 -11.01 16.18
C GLU A 196 36.84 -11.73 14.86
N LEU A 197 35.80 -11.27 14.17
CA LEU A 197 35.32 -11.89 12.93
C LEU A 197 36.08 -11.43 11.71
N ASN A 198 37.02 -10.51 11.92
CA ASN A 198 37.84 -9.97 10.87
C ASN A 198 37.03 -9.16 9.85
N ILE A 199 36.01 -8.46 10.33
CA ILE A 199 35.16 -7.64 9.48
C ILE A 199 35.57 -6.20 9.68
N ASP A 200 35.59 -5.44 8.59
CA ASP A 200 36.05 -4.06 8.65
C ASP A 200 34.89 -3.12 8.91
N VAL A 201 34.95 -2.43 10.04
CA VAL A 201 34.02 -1.36 10.36
C VAL A 201 34.70 -0.04 10.02
N VAL A 202 34.06 0.76 9.18
CA VAL A 202 34.70 1.96 8.66
C VAL A 202 34.05 3.26 9.13
N GLY A 203 32.94 3.16 9.86
CA GLY A 203 32.27 4.36 10.30
C GLY A 203 31.00 4.14 11.09
N VAL A 204 30.24 5.22 11.23
CA VAL A 204 29.02 5.27 12.03
C VAL A 204 27.93 6.03 11.28
N SER A 205 26.70 5.53 11.37
CA SER A 205 25.53 6.23 10.86
C SER A 205 24.47 6.39 11.94
N PHE A 206 23.57 7.33 11.71
CA PHE A 206 22.40 7.51 12.57
C PHE A 206 21.25 8.14 11.80
N HIS A 207 20.06 8.01 12.35
CA HIS A 207 18.92 8.71 11.80
C HIS A 207 18.15 9.30 12.96
N VAL A 208 17.97 10.63 12.95
CA VAL A 208 17.32 11.33 14.07
C VAL A 208 15.79 11.18 14.05
N GLY A 209 15.28 10.46 13.05
CA GLY A 209 13.86 10.27 12.84
C GLY A 209 13.39 11.10 11.66
N SER A 210 12.49 10.55 10.85
CA SER A 210 11.95 11.33 9.75
C SER A 210 11.06 12.45 10.33
N GLY A 211 11.09 13.62 9.70
CA GLY A 211 10.37 14.77 10.24
C GLY A 211 10.89 15.21 11.61
N CYS A 212 12.20 15.45 11.68
CA CYS A 212 12.83 15.98 12.90
C CYS A 212 12.18 17.32 13.33
N THR A 213 11.94 17.48 14.63
CA THR A 213 11.40 18.74 15.18
C THR A 213 12.32 19.39 16.23
N ASP A 214 13.31 18.65 16.70
CA ASP A 214 14.33 19.15 17.62
C ASP A 214 15.74 18.97 17.02
N PRO A 215 16.30 20.04 16.42
CA PRO A 215 17.61 19.96 15.74
C PRO A 215 18.77 19.60 16.66
N GLU A 216 18.63 19.84 17.96
CA GLU A 216 19.67 19.46 18.92
C GLU A 216 19.96 17.96 18.92
N THR A 217 18.99 17.15 18.51
CA THR A 217 19.20 15.70 18.47
C THR A 217 20.32 15.32 17.48
N PHE A 218 20.53 16.16 16.46
CA PHE A 218 21.67 16.02 15.55
C PHE A 218 23.00 16.21 16.32
N VAL A 219 23.05 17.21 17.21
CA VAL A 219 24.24 17.46 18.01
C VAL A 219 24.54 16.27 18.93
N GLN A 220 23.51 15.76 19.60
CA GLN A 220 23.67 14.59 20.45
C GLN A 220 24.16 13.37 19.66
N ALA A 221 23.58 13.16 18.48
CA ALA A 221 23.96 12.04 17.60
C ALA A 221 25.41 12.13 17.08
N ILE A 222 25.82 13.33 16.69
CA ILE A 222 27.18 13.57 16.22
C ILE A 222 28.17 13.36 17.35
N SER A 223 27.84 13.87 18.54
CA SER A 223 28.63 13.62 19.74
C SER A 223 28.76 12.13 20.04
N ASP A 224 27.63 11.41 20.06
CA ASP A 224 27.63 9.96 20.23
C ASP A 224 28.46 9.22 19.15
N ALA A 225 28.36 9.65 17.90
CA ALA A 225 29.11 9.04 16.79
C ALA A 225 30.61 9.19 17.01
N ARG A 226 31.02 10.34 17.55
CA ARG A 226 32.42 10.58 17.93
C ARG A 226 32.89 9.57 18.99
N CYS A 227 32.06 9.32 19.99
CA CYS A 227 32.38 8.33 21.01
CA CYS A 227 32.34 8.31 21.03
C CYS A 227 32.64 6.94 20.41
N VAL A 228 31.83 6.56 19.41
CA VAL A 228 31.98 5.26 18.75
C VAL A 228 33.22 5.20 17.85
N PHE A 229 33.48 6.28 17.10
CA PHE A 229 34.76 6.50 16.42
C PHE A 229 35.96 6.29 17.35
N ASP A 230 35.92 6.93 18.53
CA ASP A 230 36.98 6.78 19.54
C ASP A 230 37.11 5.33 20.02
N MET A 231 35.98 4.68 20.26
CA MET A 231 35.98 3.27 20.66
C MET A 231 36.51 2.37 19.56
N GLY A 232 36.19 2.70 18.31
CA GLY A 232 36.72 1.98 17.15
C GLY A 232 38.24 2.06 17.05
N ALA A 233 38.77 3.26 17.31
CA ALA A 233 40.22 3.47 17.35
C ALA A 233 40.91 2.59 18.41
N GLU A 234 40.32 2.48 19.60
CA GLU A 234 40.84 1.63 20.68
C GLU A 234 40.89 0.14 20.35
N VAL A 235 39.90 -0.34 19.59
CA VAL A 235 39.84 -1.77 19.23
C VAL A 235 40.69 -2.08 17.99
N GLY A 236 41.03 -1.05 17.20
CA GLY A 236 41.94 -1.20 16.07
C GLY A 236 41.43 -0.79 14.69
N PHE A 237 40.25 -0.18 14.63
CA PHE A 237 39.70 0.26 13.35
C PHE A 237 40.14 1.66 12.98
N SER A 238 40.31 1.91 11.69
N SER A 238 40.25 1.94 11.69
CA SER A 238 40.48 3.25 11.17
CA SER A 238 40.55 3.29 11.19
C SER A 238 39.12 3.69 10.67
C SER A 238 39.30 3.94 10.59
N MET A 239 38.48 4.55 11.45
CA MET A 239 37.14 5.07 11.10
C MET A 239 37.22 6.36 10.32
N TYR A 240 36.49 6.42 9.21
CA TYR A 240 36.52 7.59 8.31
C TYR A 240 35.16 7.98 7.74
N LEU A 241 34.13 7.18 7.97
CA LEU A 241 32.82 7.51 7.39
C LEU A 241 31.78 7.88 8.45
N LEU A 242 31.29 9.11 8.35
CA LEU A 242 30.19 9.59 9.19
C LEU A 242 28.98 9.81 8.31
N ASP A 243 27.88 9.18 8.68
CA ASP A 243 26.65 9.22 7.91
C ASP A 243 25.55 9.75 8.82
N ILE A 244 25.12 10.97 8.54
CA ILE A 244 24.20 11.69 9.44
C ILE A 244 22.72 11.48 9.12
N GLY A 245 22.41 10.54 8.21
CA GLY A 245 21.00 10.16 7.95
C GLY A 245 20.13 11.21 7.29
N GLY A 246 18.84 11.18 7.62
CA GLY A 246 17.85 12.09 7.04
C GLY A 246 17.12 12.90 8.09
N GLY A 247 15.83 13.13 7.87
CA GLY A 247 15.01 13.85 8.84
C GLY A 247 14.72 15.31 8.50
N PHE A 248 15.34 15.77 7.40
CA PHE A 248 15.14 17.13 6.89
C PHE A 248 13.76 17.34 6.26
N PRO A 249 13.20 18.55 6.40
CA PRO A 249 11.95 18.86 5.74
C PRO A 249 12.09 18.99 4.24
N GLY A 250 10.97 18.75 3.54
CA GLY A 250 10.96 18.76 2.08
C GLY A 250 10.20 19.93 1.48
N SER A 251 9.72 20.83 2.34
CA SER A 251 9.11 22.08 1.88
C SER A 251 9.32 23.17 2.94
N GLU A 252 8.84 24.36 2.61
CA GLU A 252 8.93 25.52 3.50
C GLU A 252 7.70 25.61 4.41
N ASP A 253 6.69 24.77 4.14
CA ASP A 253 5.47 24.73 4.93
C ASP A 253 5.63 23.96 6.25
N VAL A 254 6.67 24.30 7.02
CA VAL A 254 7.04 23.58 8.24
C VAL A 254 7.53 24.59 9.29
N LYS A 255 7.47 24.20 10.56
CA LYS A 255 7.96 25.04 11.65
C LYS A 255 9.50 25.12 11.68
N LEU A 256 10.14 23.98 11.45
CA LEU A 256 11.59 23.87 11.51
C LEU A 256 12.13 23.71 10.10
N LYS A 257 12.67 24.80 9.55
CA LYS A 257 13.12 24.81 8.18
C LYS A 257 14.52 24.20 8.03
N PHE A 258 14.84 23.78 6.81
CA PHE A 258 16.10 23.08 6.51
C PHE A 258 17.29 23.84 7.06
N GLU A 259 17.36 25.14 6.75
CA GLU A 259 18.49 25.98 7.15
C GLU A 259 18.68 26.17 8.65
N GLU A 260 17.59 26.10 9.41
N GLU A 260 17.60 26.10 9.43
CA GLU A 260 17.68 26.11 10.87
CA GLU A 260 17.71 26.12 10.90
C GLU A 260 18.38 24.86 11.35
C GLU A 260 18.28 24.81 11.45
N ILE A 261 18.10 23.73 10.71
CA ILE A 261 18.70 22.45 11.07
C ILE A 261 20.20 22.45 10.71
N THR A 262 20.53 22.86 9.49
CA THR A 262 21.92 22.82 9.02
C THR A 262 22.79 23.79 9.83
N GLY A 263 22.17 24.87 10.29
CA GLY A 263 22.80 25.85 11.18
C GLY A 263 23.27 25.28 12.50
N VAL A 264 22.59 24.25 13.01
CA VAL A 264 23.07 23.60 14.23
C VAL A 264 23.96 22.40 13.92
N ILE A 265 23.74 21.75 12.77
CA ILE A 265 24.55 20.61 12.37
C ILE A 265 26.01 21.02 12.13
N ASN A 266 26.20 22.07 11.34
CA ASN A 266 27.56 22.46 10.91
C ASN A 266 28.57 22.70 12.03
N PRO A 267 28.22 23.50 13.08
CA PRO A 267 29.10 23.64 14.24
C PRO A 267 29.42 22.33 14.97
N ALA A 268 28.45 21.42 15.06
CA ALA A 268 28.70 20.10 15.68
C ALA A 268 29.68 19.26 14.86
N LEU A 269 29.55 19.31 13.54
CA LEU A 269 30.47 18.61 12.64
C LEU A 269 31.90 19.17 12.79
N ASP A 270 32.02 20.50 12.78
CA ASP A 270 33.32 21.15 12.97
C ASP A 270 34.00 20.85 14.29
N LYS A 271 33.22 20.63 15.34
CA LYS A 271 33.75 20.35 16.67
C LYS A 271 34.20 18.90 16.82
N TYR A 272 33.34 17.97 16.40
CA TYR A 272 33.58 16.55 16.64
C TYR A 272 34.25 15.87 15.47
N PHE A 273 34.06 16.42 14.27
CA PHE A 273 34.63 15.84 13.04
C PHE A 273 35.28 16.92 12.17
N PRO A 274 36.32 17.61 12.69
CA PRO A 274 36.99 18.64 11.88
C PRO A 274 37.59 18.04 10.61
N SER A 275 37.71 18.83 9.56
CA SER A 275 38.13 18.30 8.27
C SER A 275 39.53 17.64 8.32
N ASP A 276 40.40 18.14 9.20
CA ASP A 276 41.73 17.55 9.37
C ASP A 276 41.72 16.18 10.11
N SER A 277 40.53 15.69 10.44
CA SER A 277 40.38 14.33 10.97
C SER A 277 40.39 13.29 9.85
N GLY A 278 40.26 13.74 8.61
CA GLY A 278 40.15 12.83 7.47
C GLY A 278 38.78 12.20 7.25
N VAL A 279 37.79 12.56 8.07
CA VAL A 279 36.43 12.03 7.97
C VAL A 279 35.73 12.42 6.67
N ARG A 280 35.02 11.46 6.09
CA ARG A 280 34.14 11.73 4.96
C ARG A 280 32.72 11.75 5.54
N ILE A 281 32.05 12.89 5.41
CA ILE A 281 30.71 13.04 5.96
C ILE A 281 29.68 12.88 4.84
N ILE A 282 28.74 11.97 5.05
CA ILE A 282 27.65 11.77 4.12
C ILE A 282 26.31 11.92 4.85
N ALA A 283 25.22 11.94 4.10
CA ALA A 283 23.87 11.92 4.68
C ALA A 283 22.95 11.11 3.76
N GLU A 284 21.75 10.80 4.25
CA GLU A 284 20.80 10.00 3.50
C GLU A 284 19.46 10.74 3.36
N PRO A 285 19.46 11.95 2.80
CA PRO A 285 18.20 12.70 2.76
C PRO A 285 17.21 12.05 1.78
N GLY A 286 15.92 12.00 2.15
CA GLY A 286 14.92 11.49 1.22
C GLY A 286 13.92 12.60 0.96
N ARG A 287 13.10 12.85 1.97
CA ARG A 287 12.02 13.85 1.93
C ARG A 287 12.51 15.20 1.41
N TYR A 288 13.68 15.62 1.90
CA TYR A 288 14.28 16.89 1.48
C TYR A 288 14.32 17.11 -0.02
N TYR A 289 14.71 16.07 -0.78
CA TYR A 289 14.89 16.23 -2.22
C TYR A 289 13.62 16.33 -3.04
N VAL A 290 12.56 15.67 -2.58
CA VAL A 290 11.43 15.36 -3.46
C VAL A 290 10.06 15.90 -3.06
N ALA A 291 9.84 16.22 -1.78
CA ALA A 291 8.47 16.55 -1.32
C ALA A 291 7.79 17.63 -2.14
N SER A 292 8.43 18.80 -2.27
CA SER A 292 7.81 19.95 -2.94
C SER A 292 7.76 19.86 -4.46
N ALA A 293 8.55 18.95 -5.03
CA ALA A 293 8.61 18.75 -6.48
C ALA A 293 7.33 18.16 -7.07
N PHE A 294 6.56 17.40 -6.29
CA PHE A 294 5.32 16.78 -6.75
C PHE A 294 4.06 17.49 -6.27
N THR A 295 3.20 17.85 -7.22
CA THR A 295 1.88 18.35 -6.89
C THR A 295 0.87 17.37 -7.48
N LEU A 296 -0.09 16.96 -6.65
CA LEU A 296 -1.12 16.02 -7.08
C LEU A 296 -2.44 16.74 -7.37
N ALA A 297 -3.03 16.45 -8.53
CA ALA A 297 -4.35 16.94 -8.90
C ALA A 297 -5.33 15.79 -8.86
N VAL A 298 -6.39 15.92 -8.07
CA VAL A 298 -7.44 14.90 -8.06
C VAL A 298 -8.76 15.52 -8.51
N ASN A 299 -9.63 14.70 -9.09
CA ASN A 299 -10.90 15.18 -9.55
C ASN A 299 -11.99 14.80 -8.56
N ILE A 300 -12.96 15.69 -8.36
CA ILE A 300 -14.13 15.36 -7.55
C ILE A 300 -15.06 14.50 -8.39
N ILE A 301 -15.18 13.23 -8.01
CA ILE A 301 -15.91 12.27 -8.84
C ILE A 301 -17.35 12.01 -8.36
N ALA A 302 -17.62 12.32 -7.10
CA ALA A 302 -18.96 12.15 -6.52
C ALA A 302 -19.18 13.14 -5.39
N LYS A 303 -20.43 13.35 -5.03
CA LYS A 303 -20.81 14.45 -4.11
C LYS A 303 -22.10 14.12 -3.36
N LYS A 304 -22.12 14.45 -2.07
CA LYS A 304 -23.32 14.35 -1.24
C LYS A 304 -23.49 15.62 -0.43
N ILE A 305 -24.76 15.95 -0.18
CA ILE A 305 -25.11 17.07 0.68
C ILE A 305 -25.79 16.52 1.93
N VAL A 306 -25.26 16.91 3.08
CA VAL A 306 -25.77 16.49 4.39
C VAL A 306 -26.22 17.71 5.18
N LEU A 307 -27.52 17.78 5.44
CA LEU A 307 -28.15 18.90 6.16
C LEU A 307 -27.79 18.94 7.65
N GLU A 321 -24.74 23.33 9.02
CA GLU A 321 -26.06 23.60 8.43
C GLU A 321 -26.22 22.82 7.13
N GLN A 322 -25.72 23.38 6.03
CA GLN A 322 -25.48 22.63 4.82
C GLN A 322 -24.01 22.18 4.87
N THR A 323 -23.79 20.87 4.77
CA THR A 323 -22.43 20.31 4.73
C THR A 323 -22.27 19.38 3.54
N PHE A 324 -21.02 19.16 3.13
CA PHE A 324 -20.76 18.42 1.90
C PHE A 324 -19.74 17.31 2.11
N MET A 325 -19.95 16.23 1.37
CA MET A 325 -18.99 15.13 1.27
C MET A 325 -18.56 15.05 -0.19
N TYR A 326 -17.26 15.16 -0.43
CA TYR A 326 -16.69 15.05 -1.77
C TYR A 326 -15.84 13.80 -1.85
N TYR A 327 -16.02 13.06 -2.94
CA TYR A 327 -15.24 11.86 -3.20
C TYR A 327 -14.29 12.19 -4.34
N VAL A 328 -13.02 11.84 -4.18
CA VAL A 328 -12.01 12.11 -5.21
C VAL A 328 -11.35 10.81 -5.69
N ASN A 329 -10.61 10.87 -6.79
CA ASN A 329 -10.10 9.66 -7.44
C ASN A 329 -8.66 9.25 -7.07
N ASP A 330 -8.22 9.65 -5.87
CA ASP A 330 -7.02 9.07 -5.24
C ASP A 330 -7.33 9.06 -3.75
N GLY A 331 -6.79 8.09 -3.02
CA GLY A 331 -7.14 7.97 -1.59
C GLY A 331 -6.09 7.35 -0.71
N VAL A 332 -6.50 6.94 0.49
N VAL A 332 -6.51 6.93 0.48
CA VAL A 332 -5.57 6.40 1.51
CA VAL A 332 -5.61 6.41 1.51
C VAL A 332 -4.87 5.10 1.08
C VAL A 332 -4.91 5.08 1.12
N TYR A 333 -5.48 4.34 0.18
CA TYR A 333 -4.81 3.13 -0.34
C TYR A 333 -3.81 3.49 -1.44
N GLY A 334 -4.00 4.67 -2.03
CA GLY A 334 -3.10 5.20 -3.06
C GLY A 334 -2.16 6.26 -2.46
N SER A 335 -2.13 7.45 -3.06
CA SER A 335 -1.14 8.47 -2.65
C SER A 335 -1.27 8.92 -1.21
N PHE A 336 -2.48 8.85 -0.68
CA PHE A 336 -2.76 9.38 0.65
C PHE A 336 -2.52 8.36 1.75
N ASN A 337 -1.90 7.24 1.38
CA ASN A 337 -1.36 6.32 2.39
C ASN A 337 -0.45 7.05 3.36
N CYS A 338 0.15 8.16 2.91
CA CYS A 338 0.97 9.03 3.76
C CYS A 338 0.24 9.52 5.02
N ILE A 339 -1.09 9.57 4.97
CA ILE A 339 -1.86 10.03 6.14
C ILE A 339 -1.70 9.03 7.29
N LEU A 340 -1.65 7.75 6.93
CA LEU A 340 -1.50 6.68 7.89
C LEU A 340 -0.04 6.34 8.20
N TYR A 341 0.79 6.15 7.16
CA TYR A 341 2.15 5.70 7.35
C TYR A 341 3.15 6.83 7.66
N ASP A 342 2.85 8.04 7.18
CA ASP A 342 3.81 9.14 7.30
C ASP A 342 3.26 10.25 8.21
N HIS A 343 2.11 10.00 8.85
CA HIS A 343 1.44 10.96 9.73
C HIS A 343 1.23 12.31 9.06
N ALA A 344 0.94 12.27 7.75
CA ALA A 344 0.85 13.50 6.98
C ALA A 344 -0.43 14.27 7.26
N HIS A 345 -0.30 15.58 7.22
CA HIS A 345 -1.42 16.47 7.38
C HIS A 345 -1.58 17.16 6.05
N VAL A 346 -2.53 16.69 5.27
CA VAL A 346 -2.72 17.15 3.89
C VAL A 346 -3.63 18.38 3.84
N LYS A 347 -3.38 19.24 2.88
CA LYS A 347 -4.05 20.53 2.78
C LYS A 347 -4.66 20.67 1.39
N PRO A 348 -6.00 20.55 1.30
CA PRO A 348 -6.65 20.67 -0.01
C PRO A 348 -6.62 22.09 -0.54
N LEU A 349 -6.29 22.23 -1.82
CA LEU A 349 -6.14 23.50 -2.49
C LEU A 349 -7.07 23.57 -3.70
N LEU A 350 -7.73 24.71 -3.86
CA LEU A 350 -8.65 24.93 -4.95
C LEU A 350 -7.88 25.15 -6.25
N GLN A 351 -8.23 24.39 -7.28
CA GLN A 351 -7.62 24.60 -8.58
C GLN A 351 -8.24 25.85 -9.20
N LYS A 352 -9.56 25.98 -9.11
CA LYS A 352 -10.24 27.23 -9.50
C LYS A 352 -10.25 28.18 -8.31
N ARG A 353 -9.69 29.38 -8.50
CA ARG A 353 -9.68 30.40 -7.45
C ARG A 353 -11.12 30.72 -6.98
N PRO A 354 -11.35 30.78 -5.65
CA PRO A 354 -12.70 31.03 -5.13
C PRO A 354 -13.14 32.50 -5.28
N LYS A 355 -14.44 32.72 -5.43
CA LYS A 355 -15.02 34.07 -5.38
C LYS A 355 -14.74 34.72 -4.01
N PRO A 356 -14.32 35.97 -4.02
CA PRO A 356 -13.96 36.67 -2.79
C PRO A 356 -15.11 36.66 -1.77
N ASP A 357 -16.32 36.44 -2.26
CA ASP A 357 -17.52 36.81 -1.51
C ASP A 357 -18.32 35.58 -1.11
N GLU A 358 -17.96 34.43 -1.68
CA GLU A 358 -18.87 33.29 -1.74
C GLU A 358 -18.79 32.44 -0.47
N LYS A 359 -19.86 31.71 -0.19
CA LYS A 359 -19.98 30.99 1.07
C LYS A 359 -19.03 29.79 1.11
N TYR A 360 -18.44 29.56 2.28
CA TYR A 360 -17.75 28.31 2.55
C TYR A 360 -18.60 27.38 3.41
N TYR A 361 -18.46 26.07 3.20
CA TYR A 361 -19.21 25.09 3.96
C TYR A 361 -18.28 24.07 4.61
N SER A 362 -18.71 23.53 5.75
CA SER A 362 -18.02 22.41 6.37
C SER A 362 -18.09 21.19 5.44
N SER A 363 -16.93 20.60 5.16
CA SER A 363 -16.79 19.59 4.11
C SER A 363 -15.84 18.47 4.52
N SER A 364 -16.08 17.28 3.98
CA SER A 364 -15.15 16.16 4.15
C SER A 364 -14.74 15.66 2.78
N ILE A 365 -13.54 15.09 2.69
CA ILE A 365 -13.02 14.59 1.43
C ILE A 365 -12.66 13.11 1.58
N TRP A 366 -13.17 12.30 0.66
CA TRP A 366 -13.08 10.86 0.74
C TRP A 366 -12.39 10.30 -0.49
N GLY A 367 -11.67 9.20 -0.31
CA GLY A 367 -11.05 8.48 -1.42
C GLY A 367 -12.04 7.65 -2.23
N PRO A 368 -11.58 7.07 -3.34
CA PRO A 368 -12.51 6.38 -4.26
C PRO A 368 -12.93 4.95 -3.86
N THR A 369 -12.31 4.38 -2.82
CA THR A 369 -12.59 2.97 -2.48
C THR A 369 -13.86 2.74 -1.66
N CYS A 370 -14.17 1.45 -1.50
CA CYS A 370 -15.28 0.91 -0.72
C CYS A 370 -15.21 1.23 0.78
N ASP A 371 -14.02 1.56 1.26
CA ASP A 371 -13.72 1.57 2.69
C ASP A 371 -14.05 2.89 3.38
N GLY A 372 -14.78 2.81 4.49
CA GLY A 372 -15.03 3.99 5.33
C GLY A 372 -13.76 4.57 5.92
N LEU A 373 -12.70 3.76 5.99
CA LEU A 373 -11.40 4.23 6.44
C LEU A 373 -10.74 5.14 5.39
N ASP A 374 -11.18 5.00 4.14
CA ASP A 374 -10.62 5.80 3.04
C ASP A 374 -11.21 7.22 3.04
N ARG A 375 -10.74 8.02 4.00
CA ARG A 375 -11.15 9.39 4.15
C ARG A 375 -9.86 10.21 4.20
N ILE A 376 -9.81 11.26 3.39
CA ILE A 376 -8.60 12.05 3.25
C ILE A 376 -8.59 13.27 4.16
N VAL A 377 -9.75 13.93 4.27
CA VAL A 377 -9.90 15.10 5.16
C VAL A 377 -11.23 14.97 5.90
N GLU A 378 -11.16 14.90 7.23
CA GLU A 378 -12.33 14.72 8.07
C GLU A 378 -13.26 15.93 8.08
N ARG A 379 -12.66 17.13 8.15
CA ARG A 379 -13.44 18.37 8.17
C ARG A 379 -12.57 19.54 7.71
N CYS A 380 -13.07 20.25 6.70
CA CYS A 380 -12.45 21.48 6.24
C CYS A 380 -13.53 22.43 5.73
N ASP A 381 -13.15 23.68 5.46
CA ASP A 381 -14.09 24.63 4.88
C ASP A 381 -13.77 24.89 3.41
N LEU A 382 -14.76 24.70 2.56
CA LEU A 382 -14.58 24.85 1.13
C LEU A 382 -15.78 25.56 0.54
N PRO A 383 -15.60 26.22 -0.62
CA PRO A 383 -16.77 26.70 -1.34
C PRO A 383 -17.56 25.47 -1.82
N GLU A 384 -18.81 25.64 -2.22
CA GLU A 384 -19.52 24.51 -2.80
C GLU A 384 -18.83 24.11 -4.11
N MET A 385 -18.43 22.85 -4.18
CA MET A 385 -17.77 22.31 -5.35
C MET A 385 -18.69 21.33 -6.06
N HIS A 386 -18.31 20.95 -7.27
CA HIS A 386 -19.16 20.11 -8.12
C HIS A 386 -18.33 18.99 -8.76
N VAL A 387 -19.00 17.88 -9.11
CA VAL A 387 -18.34 16.79 -9.82
C VAL A 387 -17.62 17.36 -11.05
N GLY A 388 -16.36 16.97 -11.22
CA GLY A 388 -15.53 17.45 -12.34
C GLY A 388 -14.58 18.57 -11.94
N ASP A 389 -14.83 19.22 -10.80
CA ASP A 389 -13.87 20.18 -10.25
C ASP A 389 -12.60 19.44 -9.76
N TRP A 390 -11.47 20.13 -9.85
CA TRP A 390 -10.20 19.61 -9.39
C TRP A 390 -9.80 20.18 -8.02
N MET A 391 -9.15 19.34 -7.21
CA MET A 391 -8.52 19.76 -5.98
C MET A 391 -7.02 19.48 -6.09
N LEU A 392 -6.21 20.36 -5.51
CA LEU A 392 -4.76 20.20 -5.54
C LEU A 392 -4.15 19.89 -4.19
N PHE A 393 -3.11 19.06 -4.22
CA PHE A 393 -2.35 18.73 -3.03
C PHE A 393 -0.87 18.91 -3.33
N GLU A 394 -0.29 19.98 -2.78
CA GLU A 394 1.12 20.28 -2.96
C GLU A 394 1.98 19.48 -1.98
N ASN A 395 3.29 19.45 -2.23
CA ASN A 395 4.26 18.80 -1.34
C ASN A 395 3.96 17.31 -1.15
N MET A 396 3.60 16.66 -2.26
CA MET A 396 3.16 15.27 -2.28
C MET A 396 4.17 14.30 -2.91
N GLY A 397 5.46 14.64 -2.81
CA GLY A 397 6.53 13.83 -3.40
C GLY A 397 7.11 12.74 -2.51
N ALA A 398 6.99 12.89 -1.20
CA ALA A 398 7.69 12.02 -0.24
C ALA A 398 6.73 11.01 0.40
N TYR A 399 7.07 9.72 0.33
CA TYR A 399 6.29 8.67 1.02
C TYR A 399 4.82 8.68 0.59
N THR A 400 4.63 8.86 -0.70
CA THR A 400 3.32 8.86 -1.32
C THR A 400 3.24 7.74 -2.36
N VAL A 401 3.62 8.03 -3.60
CA VAL A 401 3.58 7.03 -4.69
C VAL A 401 4.42 5.77 -4.35
N ALA A 402 5.48 5.97 -3.57
CA ALA A 402 6.36 4.87 -3.13
C ALA A 402 5.64 3.78 -2.33
N ALA A 403 4.53 4.12 -1.69
CA ALA A 403 3.82 3.17 -0.82
C ALA A 403 2.36 2.93 -1.23
N ALA A 404 2.00 3.35 -2.45
CA ALA A 404 0.64 3.23 -2.96
C ALA A 404 0.33 1.80 -3.41
N SER A 405 -0.93 1.40 -3.24
CA SER A 405 -1.43 0.12 -3.76
C SER A 405 -2.51 0.34 -4.81
N THR A 406 -2.94 -0.75 -5.46
CA THR A 406 -4.07 -0.71 -6.37
C THR A 406 -5.34 -1.37 -5.82
N PHE A 407 -5.54 -1.31 -4.50
CA PHE A 407 -6.79 -1.77 -3.88
C PHE A 407 -8.03 -1.23 -4.61
N ASN A 408 -9.02 -2.11 -4.80
CA ASN A 408 -10.26 -1.82 -5.55
C ASN A 408 -10.02 -1.71 -7.06
N GLY A 409 -8.76 -1.93 -7.48
CA GLY A 409 -8.38 -1.83 -8.88
C GLY A 409 -8.01 -0.45 -9.40
N PHE A 410 -8.00 0.56 -8.52
CA PHE A 410 -7.63 1.92 -8.90
C PHE A 410 -6.13 2.04 -9.16
N GLN A 411 -5.81 2.45 -10.40
CA GLN A 411 -4.43 2.55 -10.85
C GLN A 411 -3.76 3.83 -10.33
N ARG A 412 -2.45 3.80 -10.25
CA ARG A 412 -1.67 4.94 -9.76
C ARG A 412 -1.77 6.11 -10.75
N PRO A 413 -1.93 7.35 -10.24
CA PRO A 413 -1.93 8.50 -11.15
C PRO A 413 -0.64 8.59 -11.96
N THR A 414 -0.78 8.94 -13.24
CA THR A 414 0.40 9.20 -14.06
C THR A 414 1.16 10.41 -13.53
N ILE A 415 2.49 10.33 -13.59
CA ILE A 415 3.36 11.44 -13.24
C ILE A 415 3.88 12.09 -14.53
N TYR A 416 3.60 13.38 -14.69
CA TYR A 416 4.10 14.14 -15.84
C TYR A 416 5.24 15.03 -15.35
N TYR A 417 6.44 14.78 -15.85
CA TYR A 417 7.60 15.54 -15.43
C TYR A 417 7.79 16.79 -16.27
N VAL A 418 8.28 17.84 -15.63
CA VAL A 418 8.61 19.09 -16.31
C VAL A 418 10.01 19.55 -15.92
N MET A 419 10.64 20.31 -16.81
CA MET A 419 11.97 20.84 -16.53
C MET A 419 12.22 22.06 -17.42
N SER A 420 12.76 23.13 -16.83
CA SER A 420 13.07 24.36 -17.55
C SER A 420 14.42 24.23 -18.26
N GLY A 421 14.72 25.19 -19.14
CA GLY A 421 16.03 25.29 -19.79
C GLY A 421 17.17 25.47 -18.80
N PRO A 422 17.08 26.48 -17.92
CA PRO A 422 18.07 26.69 -16.88
C PRO A 422 18.28 25.49 -15.95
N ALA A 423 17.21 24.77 -15.62
CA ALA A 423 17.33 23.53 -14.82
C ALA A 423 18.14 22.47 -15.57
N TRP A 424 17.79 22.25 -16.85
CA TRP A 424 18.54 21.34 -17.71
C TRP A 424 20.02 21.71 -17.77
N GLN A 425 20.30 23.01 -17.93
CA GLN A 425 21.68 23.50 -18.02
C GLN A 425 22.44 23.26 -16.73
N LEU A 426 21.79 23.52 -15.60
CA LEU A 426 22.36 23.26 -14.29
C LEU A 426 22.72 21.79 -14.08
N MET A 427 21.84 20.89 -14.52
CA MET A 427 22.10 19.45 -14.43
C MET A 427 23.34 19.05 -15.23
N GLN A 428 23.47 19.60 -16.44
CA GLN A 428 24.67 19.38 -17.26
C GLN A 428 25.93 19.92 -16.59
N GLN A 429 25.83 21.07 -15.94
CA GLN A 429 26.94 21.63 -15.17
C GLN A 429 27.44 20.63 -14.12
N PHE A 430 26.50 20.07 -13.35
CA PHE A 430 26.83 19.09 -12.30
C PHE A 430 27.46 17.84 -12.88
N GLN A 431 26.99 17.42 -14.05
CA GLN A 431 27.47 16.23 -14.72
C GLN A 431 28.83 16.44 -15.43
N ASN A 432 29.81 16.89 -14.66
CA ASN A 432 31.24 17.02 -15.10
C ASN A 432 32.10 17.96 -14.24
N GLY B 2 -0.46 -41.95 -12.80
CA GLY B 2 -1.45 -42.02 -13.92
C GLY B 2 -2.58 -41.03 -13.74
N GLU B 3 -3.14 -41.01 -12.53
CA GLU B 3 -4.14 -40.01 -12.16
C GLU B 3 -3.47 -38.66 -11.94
N ASN B 4 -2.27 -38.68 -11.36
CA ASN B 4 -1.40 -37.50 -11.22
C ASN B 4 -1.16 -36.83 -12.57
N LEU B 5 -0.95 -37.63 -13.61
CA LEU B 5 -0.65 -37.11 -14.95
C LEU B 5 -1.86 -36.47 -15.64
N TYR B 6 -3.05 -37.03 -15.42
CA TYR B 6 -4.31 -36.45 -15.91
C TYR B 6 -4.60 -35.09 -15.27
N PHE B 7 -4.70 -35.08 -13.93
CA PHE B 7 -5.05 -33.86 -13.19
C PHE B 7 -4.03 -32.74 -13.33
N GLN B 8 -2.73 -33.07 -13.33
CA GLN B 8 -1.71 -32.03 -13.51
C GLN B 8 -1.70 -31.46 -14.92
N SER B 9 -2.03 -32.28 -15.93
CA SER B 9 -2.19 -31.75 -17.29
C SER B 9 -3.33 -30.74 -17.35
N LEU B 10 -4.47 -31.09 -16.77
CA LEU B 10 -5.61 -30.20 -16.65
C LEU B 10 -5.22 -28.90 -15.93
N MET B 11 -4.48 -29.03 -14.84
CA MET B 11 -4.10 -27.88 -14.00
C MET B 11 -3.02 -27.01 -14.60
N ASN B 12 -2.10 -27.63 -15.35
CA ASN B 12 -1.11 -26.89 -16.14
C ASN B 12 -1.77 -25.97 -17.14
N ASN B 13 -2.79 -26.49 -17.82
CA ASN B 13 -3.52 -25.72 -18.82
C ASN B 13 -4.43 -24.66 -18.20
N PHE B 14 -5.00 -25.01 -17.04
CA PHE B 14 -5.84 -24.12 -16.22
C PHE B 14 -5.08 -22.85 -15.82
N GLY B 15 -3.87 -23.04 -15.29
CA GLY B 15 -2.98 -21.95 -14.93
C GLY B 15 -2.39 -21.24 -16.13
N ASN B 16 -2.02 -22.02 -17.15
CA ASN B 16 -1.45 -21.46 -18.38
C ASN B 16 -0.13 -20.75 -18.00
N GLU B 17 0.19 -19.64 -18.62
CA GLU B 17 1.39 -18.93 -18.23
C GLU B 17 1.07 -17.73 -17.31
N GLU B 18 -0.04 -17.86 -16.60
CA GLU B 18 -0.52 -16.80 -15.70
C GLU B 18 -0.30 -17.13 -14.23
N PHE B 19 -0.55 -18.38 -13.86
CA PHE B 19 -0.30 -18.84 -12.50
C PHE B 19 0.02 -20.34 -12.48
N ASP B 20 0.62 -20.78 -11.39
CA ASP B 20 0.97 -22.17 -11.20
C ASP B 20 -0.06 -22.81 -10.29
N CYS B 21 -0.70 -23.86 -10.79
CA CYS B 21 -1.65 -24.64 -10.01
C CYS B 21 -1.14 -26.06 -9.89
N HIS B 22 -0.72 -26.43 -8.69
CA HIS B 22 -0.11 -27.71 -8.42
C HIS B 22 -1.14 -28.70 -7.91
N PHE B 23 -1.10 -29.90 -8.47
CA PHE B 23 -2.00 -30.97 -8.08
C PHE B 23 -1.67 -31.54 -6.70
N LEU B 24 -2.66 -31.57 -5.82
CA LEU B 24 -2.50 -32.20 -4.52
C LEU B 24 -2.84 -33.69 -4.62
N ASP B 25 -1.81 -34.52 -4.51
CA ASP B 25 -1.94 -35.97 -4.58
C ASP B 25 -2.60 -36.59 -3.36
N GLU B 26 -2.66 -37.93 -3.39
CA GLU B 26 -2.98 -38.83 -2.26
C GLU B 26 -2.83 -38.28 -0.85
N GLY B 27 -3.92 -37.78 -0.27
CA GLY B 27 -3.88 -37.30 1.12
C GLY B 27 -2.73 -36.36 1.45
N PHE B 28 -2.26 -35.62 0.46
CA PHE B 28 -1.37 -34.47 0.64
C PHE B 28 -2.25 -33.25 0.80
N THR B 29 -1.92 -32.41 1.77
CA THR B 29 -2.68 -31.18 2.01
C THR B 29 -1.90 -29.94 1.56
N ALA B 30 -2.57 -28.80 1.58
CA ALA B 30 -1.92 -27.50 1.33
C ALA B 30 -0.81 -27.24 2.35
N LYS B 31 -1.04 -27.63 3.60
CA LYS B 31 -0.01 -27.59 4.66
C LYS B 31 1.23 -28.42 4.34
N ASP B 32 1.03 -29.61 3.76
CA ASP B 32 2.15 -30.48 3.36
C ASP B 32 3.01 -29.85 2.27
N ILE B 33 2.36 -29.18 1.32
CA ILE B 33 3.06 -28.53 0.22
C ILE B 33 3.89 -27.35 0.73
N LEU B 34 3.32 -26.61 1.66
CA LEU B 34 4.06 -25.54 2.33
C LEU B 34 5.37 -26.09 2.96
N ASP B 35 5.25 -27.14 3.77
CA ASP B 35 6.40 -27.80 4.40
C ASP B 35 7.42 -28.30 3.39
N GLN B 36 6.92 -28.88 2.31
CA GLN B 36 7.72 -29.37 1.20
C GLN B 36 8.58 -28.28 0.58
N LYS B 37 7.97 -27.15 0.26
CA LYS B 37 8.68 -26.02 -0.34
C LYS B 37 9.79 -25.47 0.58
N ILE B 38 9.51 -25.43 1.87
CA ILE B 38 10.50 -25.04 2.87
C ILE B 38 11.65 -26.06 2.88
N ASN B 39 11.31 -27.35 2.91
CA ASN B 39 12.32 -28.42 2.85
C ASN B 39 13.26 -28.32 1.64
N GLU B 40 12.71 -27.96 0.48
CA GLU B 40 13.46 -27.84 -0.76
C GLU B 40 14.57 -26.78 -0.69
N VAL B 41 14.36 -25.73 0.11
CA VAL B 41 15.33 -24.64 0.19
C VAL B 41 16.08 -24.62 1.52
N SER B 42 16.00 -25.72 2.27
CA SER B 42 16.60 -25.79 3.61
C SER B 42 18.12 -25.61 3.59
N SER B 43 18.74 -25.95 2.46
CA SER B 43 20.20 -25.85 2.31
C SER B 43 20.66 -24.56 1.62
N SER B 44 19.72 -23.71 1.19
CA SER B 44 20.07 -22.49 0.48
C SER B 44 19.59 -21.21 1.17
N ASP B 45 20.00 -20.07 0.61
CA ASP B 45 19.59 -18.78 1.15
C ASP B 45 18.44 -18.18 0.36
N ASP B 46 17.87 -18.95 -0.56
CA ASP B 46 16.72 -18.48 -1.32
C ASP B 46 15.44 -18.71 -0.52
N LYS B 47 15.17 -17.76 0.37
CA LYS B 47 14.11 -17.90 1.35
C LYS B 47 13.16 -16.69 1.36
N ASP B 48 12.72 -16.27 0.18
CA ASP B 48 11.70 -15.23 0.07
C ASP B 48 10.39 -15.73 0.69
N ALA B 49 9.65 -14.83 1.30
CA ALA B 49 8.31 -15.12 1.76
C ALA B 49 7.49 -15.64 0.57
N PHE B 50 6.55 -16.54 0.85
CA PHE B 50 5.66 -17.06 -0.18
C PHE B 50 4.31 -17.47 0.40
N TYR B 51 3.33 -17.60 -0.48
CA TYR B 51 2.01 -18.06 -0.11
C TYR B 51 1.78 -19.46 -0.69
N VAL B 52 1.07 -20.29 0.05
CA VAL B 52 0.37 -21.42 -0.53
C VAL B 52 -1.13 -21.12 -0.46
N ALA B 53 -1.79 -21.17 -1.62
CA ALA B 53 -3.21 -20.87 -1.70
C ALA B 53 -3.96 -22.08 -2.23
N ASP B 54 -4.88 -22.59 -1.41
CA ASP B 54 -5.63 -23.82 -1.71
C ASP B 54 -6.93 -23.49 -2.42
N LEU B 55 -6.94 -23.65 -3.74
CA LEU B 55 -8.13 -23.36 -4.54
C LEU B 55 -9.27 -24.28 -4.16
N GLY B 56 -8.92 -25.47 -3.65
CA GLY B 56 -9.92 -26.42 -3.11
C GLY B 56 -10.64 -25.91 -1.87
N ASP B 57 -9.95 -25.11 -1.06
CA ASP B 57 -10.58 -24.47 0.06
C ASP B 57 -11.64 -23.48 -0.42
N ILE B 58 -11.34 -22.75 -1.50
CA ILE B 58 -12.30 -21.82 -2.09
C ILE B 58 -13.53 -22.55 -2.64
N LEU B 59 -13.29 -23.69 -3.30
CA LEU B 59 -14.37 -24.54 -3.84
C LEU B 59 -15.27 -25.10 -2.72
N LYS B 60 -14.65 -25.46 -1.59
CA LYS B 60 -15.41 -25.91 -0.42
C LYS B 60 -16.29 -24.80 0.17
N LYS B 61 -15.76 -23.57 0.19
CA LYS B 61 -16.54 -22.39 0.60
C LYS B 61 -17.79 -22.23 -0.26
N HIS B 62 -17.64 -22.44 -1.57
CA HIS B 62 -18.78 -22.33 -2.44
C HIS B 62 -19.86 -23.37 -2.13
N LEU B 63 -19.45 -24.62 -1.97
CA LEU B 63 -20.38 -25.72 -1.67
C LEU B 63 -21.10 -25.42 -0.36
N ARG B 64 -20.34 -24.94 0.62
CA ARG B 64 -20.85 -24.54 1.93
C ARG B 64 -21.85 -23.38 1.87
N TRP B 65 -21.58 -22.40 0.98
CA TRP B 65 -22.47 -21.27 0.76
C TRP B 65 -23.82 -21.73 0.20
N LEU B 66 -23.77 -22.57 -0.84
CA LEU B 66 -24.98 -23.11 -1.48
C LEU B 66 -25.91 -23.83 -0.51
N LYS B 67 -25.32 -24.52 0.46
CA LYS B 67 -26.07 -25.26 1.48
C LYS B 67 -26.63 -24.37 2.59
N ALA B 68 -25.86 -23.36 3.00
CA ALA B 68 -26.22 -22.47 4.10
C ALA B 68 -27.17 -21.35 3.69
N LEU B 69 -27.01 -20.84 2.47
CA LEU B 69 -27.85 -19.78 1.94
C LEU B 69 -28.39 -20.16 0.55
N PRO B 70 -29.28 -21.18 0.50
CA PRO B 70 -29.75 -21.71 -0.78
C PRO B 70 -30.49 -20.71 -1.67
N ARG B 71 -31.04 -19.65 -1.06
CA ARG B 71 -31.80 -18.65 -1.82
C ARG B 71 -30.97 -17.47 -2.34
N VAL B 72 -29.67 -17.48 -2.02
CA VAL B 72 -28.81 -16.32 -2.24
C VAL B 72 -27.65 -16.60 -3.21
N THR B 73 -27.65 -15.91 -4.35
CA THR B 73 -26.57 -16.06 -5.32
C THR B 73 -25.37 -15.20 -4.89
N PRO B 74 -24.22 -15.85 -4.69
CA PRO B 74 -23.02 -15.10 -4.29
C PRO B 74 -22.36 -14.38 -5.46
N PHE B 75 -22.10 -13.08 -5.28
CA PHE B 75 -21.30 -12.29 -6.22
C PHE B 75 -19.97 -11.98 -5.52
N TYR B 76 -18.89 -12.68 -5.89
CA TYR B 76 -17.60 -12.51 -5.19
C TYR B 76 -17.08 -11.08 -5.26
N ALA B 77 -16.74 -10.53 -4.10
CA ALA B 77 -16.15 -9.18 -4.05
C ALA B 77 -14.68 -9.22 -4.45
N VAL B 78 -14.44 -8.96 -5.74
CA VAL B 78 -13.11 -9.07 -6.35
C VAL B 78 -12.03 -8.27 -5.59
N LYS B 79 -12.41 -7.11 -5.07
CA LYS B 79 -11.48 -6.24 -4.32
C LYS B 79 -10.79 -6.92 -3.15
N CYS B 80 -11.46 -7.90 -2.53
CA CYS B 80 -10.92 -8.58 -1.35
C CYS B 80 -9.60 -9.29 -1.66
N ASN B 81 -9.57 -9.92 -2.83
CA ASN B 81 -8.38 -10.60 -3.35
C ASN B 81 -8.63 -10.80 -4.82
N ASP B 82 -7.92 -10.01 -5.62
CA ASP B 82 -8.11 -9.96 -7.06
C ASP B 82 -7.18 -10.87 -7.85
N SER B 83 -6.53 -11.81 -7.16
CA SER B 83 -5.70 -12.79 -7.82
C SER B 83 -6.48 -13.47 -8.94
N LYS B 84 -5.89 -13.54 -10.12
CA LYS B 84 -6.58 -14.07 -11.30
C LYS B 84 -7.06 -15.50 -11.11
N ALA B 85 -6.22 -16.32 -10.46
CA ALA B 85 -6.55 -17.73 -10.19
C ALA B 85 -7.84 -17.87 -9.38
N ILE B 86 -8.06 -16.95 -8.43
CA ILE B 86 -9.28 -16.98 -7.62
C ILE B 86 -10.49 -16.66 -8.49
N VAL B 87 -10.39 -15.59 -9.26
CA VAL B 87 -11.51 -15.17 -10.10
C VAL B 87 -11.82 -16.26 -11.15
N LYS B 88 -10.77 -16.87 -11.73
CA LYS B 88 -10.96 -17.93 -12.73
C LYS B 88 -11.66 -19.15 -12.14
N THR B 89 -11.25 -19.51 -10.92
CA THR B 89 -11.87 -20.61 -10.17
C THR B 89 -13.35 -20.35 -9.90
N LEU B 90 -13.66 -19.17 -9.39
CA LEU B 90 -15.05 -18.84 -9.07
C LEU B 90 -15.87 -18.61 -10.32
N ALA B 91 -15.22 -18.12 -11.38
CA ALA B 91 -15.89 -17.95 -12.67
C ALA B 91 -16.36 -19.31 -13.21
N ALA B 92 -15.50 -20.34 -13.14
CA ALA B 92 -15.88 -21.69 -13.58
C ALA B 92 -16.99 -22.27 -12.72
N THR B 93 -16.94 -21.96 -11.43
CA THR B 93 -17.95 -22.35 -10.47
C THR B 93 -19.34 -21.80 -10.80
N GLY B 94 -19.39 -20.59 -11.37
CA GLY B 94 -20.65 -19.95 -11.74
C GLY B 94 -21.11 -18.86 -10.78
N THR B 95 -20.20 -18.34 -9.95
CA THR B 95 -20.55 -17.19 -9.12
C THR B 95 -20.76 -15.94 -9.97
N GLY B 96 -21.42 -14.94 -9.39
CA GLY B 96 -21.35 -13.60 -9.94
C GLY B 96 -20.09 -12.91 -9.41
N PHE B 97 -19.91 -11.64 -9.77
CA PHE B 97 -18.79 -10.83 -9.28
C PHE B 97 -19.23 -9.41 -8.98
N ASP B 98 -18.80 -8.93 -7.82
CA ASP B 98 -18.97 -7.56 -7.38
C ASP B 98 -17.67 -6.85 -7.76
N CYS B 99 -17.77 -5.95 -8.75
CA CYS B 99 -16.63 -5.20 -9.30
C CYS B 99 -16.68 -3.75 -8.84
N ALA B 100 -15.51 -3.22 -8.43
CA ALA B 100 -15.43 -1.91 -7.79
C ALA B 100 -15.06 -0.78 -8.78
N SER B 101 -14.50 -1.18 -9.92
CA SER B 101 -13.85 -0.25 -10.85
C SER B 101 -13.68 -0.88 -12.23
N LYS B 102 -13.30 -0.05 -13.21
CA LYS B 102 -13.03 -0.50 -14.57
C LYS B 102 -12.06 -1.67 -14.62
N THR B 103 -10.97 -1.60 -13.87
CA THR B 103 -9.95 -2.64 -13.89
C THR B 103 -10.52 -4.01 -13.44
N GLU B 104 -11.36 -4.00 -12.42
CA GLU B 104 -12.01 -5.23 -11.97
C GLU B 104 -13.02 -5.78 -12.98
N ILE B 105 -13.78 -4.89 -13.62
CA ILE B 105 -14.69 -5.31 -14.69
C ILE B 105 -13.91 -5.96 -15.84
N GLN B 106 -12.77 -5.36 -16.19
CA GLN B 106 -11.90 -5.88 -17.26
C GLN B 106 -11.38 -7.26 -16.92
N LEU B 107 -10.99 -7.44 -15.66
CA LEU B 107 -10.47 -8.72 -15.19
C LEU B 107 -11.52 -9.83 -15.36
N VAL B 108 -12.73 -9.55 -14.89
CA VAL B 108 -13.83 -10.50 -14.93
C VAL B 108 -14.26 -10.82 -16.37
N GLN B 109 -14.37 -9.79 -17.19
CA GLN B 109 -14.75 -9.97 -18.60
C GLN B 109 -13.69 -10.71 -19.41
N SER B 110 -12.42 -10.51 -19.05
CA SER B 110 -11.30 -11.22 -19.68
C SER B 110 -11.35 -12.74 -19.43
N LEU B 111 -12.14 -13.16 -18.44
CA LEU B 111 -12.27 -14.59 -18.12
C LEU B 111 -13.57 -15.17 -18.68
N GLY B 112 -14.22 -14.42 -19.55
CA GLY B 112 -15.41 -14.88 -20.26
C GLY B 112 -16.73 -14.74 -19.54
N VAL B 113 -16.72 -14.06 -18.39
CA VAL B 113 -17.94 -13.88 -17.61
C VAL B 113 -18.87 -12.85 -18.26
N PRO B 114 -20.14 -13.24 -18.53
CA PRO B 114 -21.12 -12.32 -19.11
C PRO B 114 -21.49 -11.19 -18.13
N PRO B 115 -21.84 -10.01 -18.65
CA PRO B 115 -22.10 -8.85 -17.78
C PRO B 115 -23.28 -9.01 -16.81
N GLU B 116 -24.20 -9.92 -17.09
CA GLU B 116 -25.32 -10.22 -16.18
C GLU B 116 -24.86 -10.94 -14.91
N ARG B 117 -23.60 -11.36 -14.88
CA ARG B 117 -23.02 -11.95 -13.68
C ARG B 117 -22.07 -10.97 -12.97
N ILE B 118 -22.26 -9.69 -13.26
CA ILE B 118 -21.47 -8.62 -12.67
C ILE B 118 -22.40 -7.57 -12.09
N ILE B 119 -22.12 -7.17 -10.86
CA ILE B 119 -22.70 -5.96 -10.30
C ILE B 119 -21.56 -4.97 -10.02
N TYR B 120 -21.73 -3.75 -10.50
CA TYR B 120 -20.79 -2.66 -10.31
C TYR B 120 -21.22 -1.97 -9.01
N ALA B 121 -20.80 -2.57 -7.89
CA ALA B 121 -21.35 -2.21 -6.57
C ALA B 121 -20.53 -1.12 -5.86
N ASN B 122 -20.14 -0.11 -6.61
CA ASN B 122 -19.48 1.07 -6.10
C ASN B 122 -20.50 2.19 -6.21
N PRO B 123 -20.97 2.72 -5.07
CA PRO B 123 -22.03 3.76 -5.13
C PRO B 123 -21.60 5.13 -5.69
N CYS B 124 -20.29 5.38 -5.74
CA CYS B 124 -19.76 6.69 -6.13
C CYS B 124 -18.67 6.55 -7.19
N LYS B 125 -19.11 6.46 -8.44
CA LYS B 125 -18.25 6.05 -9.53
C LYS B 125 -17.79 7.22 -10.40
N GLN B 126 -16.52 7.25 -10.74
CA GLN B 126 -16.01 8.19 -11.74
C GLN B 126 -16.82 8.06 -13.04
N VAL B 127 -17.30 9.18 -13.58
CA VAL B 127 -18.15 9.15 -14.80
C VAL B 127 -17.54 8.32 -15.94
N SER B 128 -16.25 8.51 -16.21
CA SER B 128 -15.60 7.78 -17.30
C SER B 128 -15.66 6.25 -17.11
N GLN B 129 -15.65 5.81 -15.85
CA GLN B 129 -15.75 4.38 -15.54
C GLN B 129 -17.21 3.91 -15.65
N ILE B 130 -18.15 4.82 -15.37
CA ILE B 130 -19.57 4.52 -15.61
C ILE B 130 -19.79 4.27 -17.12
N LYS B 131 -19.20 5.16 -17.93
CA LYS B 131 -19.24 5.03 -19.39
C LYS B 131 -18.59 3.73 -19.84
N TYR B 132 -17.46 3.37 -19.22
CA TYR B 132 -16.84 2.09 -19.52
C TYR B 132 -17.80 0.92 -19.32
N ALA B 133 -18.49 0.90 -18.18
CA ALA B 133 -19.46 -0.14 -17.87
C ALA B 133 -20.59 -0.16 -18.91
N ALA B 134 -21.12 1.01 -19.25
CA ALA B 134 -22.17 1.13 -20.27
C ALA B 134 -21.70 0.60 -21.63
N ASN B 135 -20.50 1.00 -22.03
CA ASN B 135 -19.93 0.55 -23.31
C ASN B 135 -19.67 -0.96 -23.36
N ASN B 136 -19.54 -1.59 -22.19
CA ASN B 136 -19.24 -3.03 -22.12
C ASN B 136 -20.39 -3.91 -21.63
N GLY B 137 -21.60 -3.32 -21.58
CA GLY B 137 -22.82 -4.07 -21.32
C GLY B 137 -23.11 -4.37 -19.87
N VAL B 138 -22.39 -3.74 -18.94
CA VAL B 138 -22.65 -3.93 -17.51
C VAL B 138 -23.77 -2.98 -17.08
N GLN B 139 -24.96 -3.53 -16.83
CA GLN B 139 -26.15 -2.71 -16.58
C GLN B 139 -26.40 -2.40 -15.11
N MET B 140 -26.05 -3.33 -14.24
CA MET B 140 -26.41 -3.21 -12.82
C MET B 140 -25.33 -2.52 -12.01
N MET B 141 -25.72 -1.40 -11.41
CA MET B 141 -24.83 -0.59 -10.60
C MET B 141 -25.56 -0.11 -9.36
N THR B 142 -24.78 0.21 -8.35
CA THR B 142 -25.29 0.60 -7.07
C THR B 142 -25.21 2.15 -6.98
N PHE B 143 -26.00 2.77 -6.11
CA PHE B 143 -25.96 4.24 -5.88
C PHE B 143 -26.59 4.57 -4.53
N ASP B 144 -26.33 5.79 -4.02
CA ASP B 144 -26.92 6.24 -2.76
C ASP B 144 -27.05 7.77 -2.62
N SER B 145 -27.04 8.49 -3.75
CA SER B 145 -27.04 9.95 -3.73
C SER B 145 -27.69 10.51 -4.99
N GLU B 146 -28.19 11.75 -4.88
CA GLU B 146 -28.87 12.40 -6.00
C GLU B 146 -27.89 12.76 -7.14
N VAL B 147 -26.68 13.20 -6.79
CA VAL B 147 -25.65 13.47 -7.80
C VAL B 147 -25.34 12.20 -8.60
N GLU B 148 -25.33 11.04 -7.95
CA GLU B 148 -25.09 9.78 -8.67
C GLU B 148 -26.16 9.48 -9.74
N LEU B 149 -27.42 9.75 -9.40
CA LEU B 149 -28.54 9.67 -10.35
C LEU B 149 -28.34 10.57 -11.58
N MET B 150 -27.89 11.81 -11.36
N MET B 150 -27.92 11.81 -11.35
CA MET B 150 -27.64 12.75 -12.45
CA MET B 150 -27.62 12.76 -12.43
C MET B 150 -26.52 12.26 -13.37
C MET B 150 -26.55 12.21 -13.36
N LYS B 151 -25.48 11.70 -12.76
CA LYS B 151 -24.37 11.09 -13.51
C LYS B 151 -24.81 9.92 -14.36
N VAL B 152 -25.68 9.08 -13.79
CA VAL B 152 -26.22 7.92 -14.49
C VAL B 152 -27.16 8.34 -15.63
N ALA B 153 -28.00 9.34 -15.36
CA ALA B 153 -28.89 9.90 -16.40
C ALA B 153 -28.09 10.31 -17.64
N ARG B 154 -26.94 10.95 -17.44
CA ARG B 154 -26.08 11.41 -18.53
C ARG B 154 -25.26 10.28 -19.19
N ALA B 155 -24.68 9.41 -18.38
CA ALA B 155 -23.63 8.51 -18.86
C ALA B 155 -24.03 7.05 -19.03
N HIS B 156 -25.17 6.66 -18.44
CA HIS B 156 -25.63 5.27 -18.50
C HIS B 156 -27.16 5.25 -18.27
N PRO B 157 -27.92 5.88 -19.17
CA PRO B 157 -29.35 6.12 -18.92
C PRO B 157 -30.21 4.86 -18.78
N LYS B 158 -29.79 3.76 -19.41
CA LYS B 158 -30.53 2.50 -19.36
C LYS B 158 -30.05 1.55 -18.25
N ALA B 159 -29.20 2.05 -17.36
CA ALA B 159 -28.68 1.25 -16.22
C ALA B 159 -29.81 0.75 -15.32
N LYS B 160 -29.62 -0.44 -14.75
CA LYS B 160 -30.54 -0.96 -13.73
C LYS B 160 -29.92 -0.70 -12.35
N LEU B 161 -30.51 0.23 -11.61
CA LEU B 161 -29.87 0.74 -10.40
C LEU B 161 -30.36 0.06 -9.13
N VAL B 162 -29.43 -0.09 -8.18
CA VAL B 162 -29.70 -0.78 -6.94
C VAL B 162 -29.36 0.23 -5.84
N LEU B 163 -30.37 0.57 -5.06
CA LEU B 163 -30.28 1.61 -4.07
C LEU B 163 -29.63 1.04 -2.81
N ARG B 164 -28.47 1.58 -2.46
CA ARG B 164 -27.75 1.14 -1.27
C ARG B 164 -28.20 1.89 -0.02
N ILE B 165 -28.62 1.16 1.00
CA ILE B 165 -29.12 1.79 2.24
C ILE B 165 -28.13 1.69 3.40
N ALA B 166 -28.27 2.60 4.37
CA ALA B 166 -27.43 2.61 5.56
C ALA B 166 -27.76 1.43 6.49
N THR B 167 -26.75 0.96 7.23
CA THR B 167 -26.92 -0.09 8.24
C THR B 167 -26.34 0.35 9.60
N ASP B 168 -26.78 -0.28 10.68
CA ASP B 168 -26.10 -0.16 11.97
C ASP B 168 -24.87 -1.06 12.03
N ASP B 169 -23.73 -0.53 11.59
CA ASP B 169 -22.47 -1.27 11.62
C ASP B 169 -21.59 -0.86 12.81
N SER B 170 -22.22 -0.28 13.83
CA SER B 170 -21.49 0.23 15.01
C SER B 170 -20.55 -0.80 15.63
N LYS B 171 -20.86 -2.09 15.43
CA LYS B 171 -20.08 -3.14 16.09
C LYS B 171 -19.25 -3.97 15.13
N ALA B 172 -19.31 -3.64 13.84
CA ALA B 172 -18.50 -4.34 12.85
C ALA B 172 -17.04 -3.91 12.97
N VAL B 173 -16.14 -4.79 12.58
CA VAL B 173 -14.72 -4.45 12.61
C VAL B 173 -14.40 -3.28 11.68
N CYS B 174 -14.93 -3.33 10.46
CA CYS B 174 -14.69 -2.27 9.48
C CYS B 174 -16.00 -1.58 9.14
N ARG B 175 -16.17 -0.35 9.64
CA ARG B 175 -17.42 0.40 9.46
C ARG B 175 -17.45 1.09 8.09
N LEU B 176 -18.58 0.99 7.39
CA LEU B 176 -18.75 1.52 6.04
C LEU B 176 -19.88 2.55 5.91
N SER B 177 -20.82 2.54 6.86
CA SER B 177 -22.01 3.41 6.78
C SER B 177 -21.75 4.90 6.99
N VAL B 178 -20.57 5.23 7.49
CA VAL B 178 -20.15 6.64 7.57
C VAL B 178 -19.92 7.21 6.15
N LYS B 179 -19.61 6.32 5.21
CA LYS B 179 -19.25 6.70 3.83
C LYS B 179 -20.36 6.40 2.80
N PHE B 180 -21.11 5.32 3.02
CA PHE B 180 -22.11 4.85 2.05
C PHE B 180 -23.42 4.41 2.71
N GLY B 181 -24.51 4.49 1.94
CA GLY B 181 -25.80 4.00 2.39
C GLY B 181 -26.75 5.13 2.72
N ALA B 182 -27.85 5.18 1.98
CA ALA B 182 -28.88 6.18 2.20
C ALA B 182 -29.73 5.84 3.43
N THR B 183 -30.16 6.88 4.14
CA THR B 183 -31.18 6.75 5.19
C THR B 183 -32.54 6.44 4.53
N LEU B 184 -33.52 6.03 5.32
CA LEU B 184 -34.86 5.79 4.78
C LEU B 184 -35.47 7.05 4.14
N ARG B 185 -35.32 8.18 4.81
CA ARG B 185 -35.82 9.45 4.31
C ARG B 185 -35.20 9.80 2.96
N THR B 186 -33.87 9.64 2.86
CA THR B 186 -33.16 9.89 1.61
C THR B 186 -33.59 8.91 0.53
N SER B 187 -33.71 7.62 0.89
CA SER B 187 -34.14 6.60 -0.07
C SER B 187 -35.43 6.97 -0.79
N ARG B 188 -36.40 7.49 -0.04
CA ARG B 188 -37.68 7.93 -0.60
C ARG B 188 -37.45 9.03 -1.64
N LEU B 189 -36.63 10.01 -1.29
CA LEU B 189 -36.29 11.11 -2.20
C LEU B 189 -35.56 10.62 -3.45
N LEU B 190 -34.65 9.65 -3.27
CA LEU B 190 -33.91 9.07 -4.39
C LEU B 190 -34.83 8.34 -5.38
N LEU B 191 -35.78 7.57 -4.86
CA LEU B 191 -36.76 6.86 -5.70
C LEU B 191 -37.63 7.84 -6.49
N GLU B 192 -38.12 8.87 -5.81
CA GLU B 192 -38.91 9.93 -6.45
C GLU B 192 -38.09 10.61 -7.56
N ARG B 193 -36.84 10.95 -7.26
CA ARG B 193 -35.95 11.59 -8.22
C ARG B 193 -35.64 10.67 -9.43
N ALA B 194 -35.34 9.41 -9.17
CA ALA B 194 -35.11 8.44 -10.25
C ALA B 194 -36.34 8.28 -11.17
N LYS B 195 -37.54 8.37 -10.60
CA LYS B 195 -38.76 8.21 -11.39
C LYS B 195 -38.90 9.38 -12.35
N GLU B 196 -38.57 10.56 -11.84
CA GLU B 196 -38.66 11.81 -12.57
C GLU B 196 -37.55 11.94 -13.62
N LEU B 197 -36.46 11.20 -13.43
CA LEU B 197 -35.37 11.16 -14.40
C LEU B 197 -35.46 9.99 -15.38
N ASN B 198 -36.53 9.20 -15.28
CA ASN B 198 -36.72 7.98 -16.10
C ASN B 198 -35.57 6.95 -15.96
N ILE B 199 -35.06 6.83 -14.74
CA ILE B 199 -34.04 5.84 -14.40
C ILE B 199 -34.70 4.68 -13.66
N ASP B 200 -34.37 3.46 -14.08
CA ASP B 200 -34.93 2.26 -13.48
C ASP B 200 -34.19 1.84 -12.22
N VAL B 201 -34.91 1.81 -11.10
CA VAL B 201 -34.36 1.30 -9.84
C VAL B 201 -35.00 -0.07 -9.62
N VAL B 202 -34.14 -1.10 -9.57
CA VAL B 202 -34.60 -2.50 -9.55
C VAL B 202 -34.48 -3.22 -8.20
N GLY B 203 -33.88 -2.56 -7.21
CA GLY B 203 -33.68 -3.20 -5.92
C GLY B 203 -32.90 -2.39 -4.92
N VAL B 204 -32.48 -3.07 -3.86
CA VAL B 204 -31.85 -2.44 -2.71
C VAL B 204 -30.67 -3.31 -2.32
N SER B 205 -29.58 -2.67 -1.93
CA SER B 205 -28.43 -3.36 -1.33
C SER B 205 -28.06 -2.75 0.03
N PHE B 206 -27.30 -3.50 0.80
CA PHE B 206 -26.74 -2.97 2.03
C PHE B 206 -25.46 -3.72 2.36
N HIS B 207 -24.67 -3.17 3.26
CA HIS B 207 -23.52 -3.88 3.78
C HIS B 207 -23.46 -3.64 5.27
N VAL B 208 -23.50 -4.73 6.05
CA VAL B 208 -23.59 -4.59 7.49
C VAL B 208 -22.26 -4.21 8.14
N GLY B 209 -21.23 -4.08 7.32
CA GLY B 209 -19.89 -3.80 7.81
C GLY B 209 -19.04 -5.02 7.62
N SER B 210 -17.77 -4.84 7.23
CA SER B 210 -16.88 -5.99 7.13
C SER B 210 -16.53 -6.47 8.54
N GLY B 211 -16.44 -7.79 8.71
CA GLY B 211 -16.23 -8.36 10.03
C GLY B 211 -17.41 -8.11 10.96
N CYS B 212 -18.58 -8.54 10.52
CA CYS B 212 -19.81 -8.46 11.30
C CYS B 212 -19.60 -9.15 12.66
N THR B 213 -20.05 -8.50 13.73
CA THR B 213 -19.98 -9.02 15.12
C THR B 213 -21.38 -9.35 15.70
N ASP B 214 -22.40 -8.76 15.12
CA ASP B 214 -23.76 -8.91 15.62
C ASP B 214 -24.66 -9.30 14.45
N PRO B 215 -25.14 -10.57 14.44
CA PRO B 215 -25.91 -11.07 13.29
C PRO B 215 -27.27 -10.39 13.13
N GLU B 216 -27.79 -9.81 14.20
CA GLU B 216 -29.10 -9.14 14.14
C GLU B 216 -29.09 -7.91 13.24
N THR B 217 -27.89 -7.36 12.99
CA THR B 217 -27.75 -6.28 12.02
C THR B 217 -28.30 -6.66 10.64
N PHE B 218 -28.07 -7.90 10.22
CA PHE B 218 -28.66 -8.39 8.97
C PHE B 218 -30.19 -8.33 8.99
N VAL B 219 -30.78 -8.72 10.11
CA VAL B 219 -32.24 -8.69 10.24
C VAL B 219 -32.82 -7.28 10.09
N GLN B 220 -32.23 -6.30 10.78
CA GLN B 220 -32.69 -4.92 10.66
C GLN B 220 -32.47 -4.37 9.25
N ALA B 221 -31.33 -4.73 8.65
CA ALA B 221 -31.01 -4.28 7.28
C ALA B 221 -32.00 -4.87 6.29
N ILE B 222 -32.33 -6.16 6.47
CA ILE B 222 -33.32 -6.81 5.62
C ILE B 222 -34.70 -6.16 5.81
N SER B 223 -35.07 -5.86 7.04
CA SER B 223 -36.37 -5.21 7.25
C SER B 223 -36.37 -3.79 6.70
N ASP B 224 -35.23 -3.10 6.79
CA ASP B 224 -35.10 -1.77 6.18
C ASP B 224 -35.21 -1.82 4.65
N ALA B 225 -34.59 -2.83 4.05
CA ALA B 225 -34.67 -3.05 2.60
C ALA B 225 -36.12 -3.28 2.15
N ARG B 226 -36.88 -4.02 2.97
CA ARG B 226 -38.30 -4.23 2.68
C ARG B 226 -39.04 -2.90 2.71
N CYS B 227 -38.72 -2.06 3.70
CA CYS B 227 -39.33 -0.73 3.80
C CYS B 227 -39.08 0.06 2.50
N VAL B 228 -37.84 0.03 2.01
CA VAL B 228 -37.50 0.73 0.75
C VAL B 228 -38.15 0.11 -0.50
N PHE B 229 -38.25 -1.22 -0.54
CA PHE B 229 -39.03 -1.93 -1.57
C PHE B 229 -40.48 -1.45 -1.63
N ASP B 230 -41.09 -1.27 -0.46
CA ASP B 230 -42.47 -0.76 -0.36
C ASP B 230 -42.56 0.70 -0.83
N MET B 231 -41.53 1.49 -0.55
CA MET B 231 -41.45 2.87 -1.07
C MET B 231 -41.42 2.84 -2.59
N GLY B 232 -40.62 1.92 -3.14
CA GLY B 232 -40.44 1.74 -4.57
C GLY B 232 -41.72 1.36 -5.26
N ALA B 233 -42.44 0.39 -4.71
CA ALA B 233 -43.75 -0.02 -5.23
C ALA B 233 -44.75 1.15 -5.23
N GLU B 234 -44.71 1.96 -4.17
CA GLU B 234 -45.58 3.13 -4.06
C GLU B 234 -45.33 4.16 -5.16
N VAL B 235 -44.06 4.43 -5.48
CA VAL B 235 -43.74 5.40 -6.54
C VAL B 235 -43.85 4.82 -7.96
N GLY B 236 -43.94 3.49 -8.07
CA GLY B 236 -44.19 2.84 -9.34
C GLY B 236 -43.12 1.95 -9.92
N PHE B 237 -42.08 1.62 -9.14
CA PHE B 237 -41.04 0.69 -9.58
C PHE B 237 -41.49 -0.75 -9.37
N SER B 238 -40.95 -1.66 -10.19
CA SER B 238 -41.22 -3.10 -10.05
C SER B 238 -39.99 -3.80 -9.49
N MET B 239 -39.64 -3.49 -8.25
CA MET B 239 -38.38 -3.94 -7.65
C MET B 239 -38.31 -5.43 -7.37
N TYR B 240 -37.17 -6.03 -7.71
CA TYR B 240 -36.97 -7.48 -7.63
C TYR B 240 -35.62 -7.91 -7.02
N LEU B 241 -34.66 -7.01 -6.93
CA LEU B 241 -33.31 -7.40 -6.53
C LEU B 241 -32.98 -7.00 -5.08
N LEU B 242 -32.74 -8.00 -4.24
CA LEU B 242 -32.21 -7.78 -2.88
C LEU B 242 -30.74 -8.23 -2.81
N ASP B 243 -29.88 -7.33 -2.40
CA ASP B 243 -28.45 -7.60 -2.29
C ASP B 243 -28.01 -7.40 -0.83
N ILE B 244 -27.66 -8.50 -0.16
CA ILE B 244 -27.38 -8.46 1.28
C ILE B 244 -25.90 -8.21 1.63
N GLY B 245 -25.09 -7.86 0.63
CA GLY B 245 -23.70 -7.43 0.84
C GLY B 245 -22.77 -8.50 1.39
N GLY B 246 -21.80 -8.07 2.20
CA GLY B 246 -20.81 -9.00 2.75
C GLY B 246 -20.77 -8.97 4.27
N GLY B 247 -19.59 -9.18 4.83
CA GLY B 247 -19.39 -9.12 6.27
C GLY B 247 -19.22 -10.46 6.95
N PHE B 248 -19.34 -11.54 6.17
CA PHE B 248 -19.18 -12.91 6.65
C PHE B 248 -17.72 -13.20 7.01
N PRO B 249 -17.49 -14.07 8.01
CA PRO B 249 -16.12 -14.38 8.39
C PRO B 249 -15.51 -15.38 7.40
N GLY B 250 -14.19 -15.36 7.29
CA GLY B 250 -13.49 -16.17 6.29
C GLY B 250 -12.72 -17.35 6.85
N SER B 251 -12.86 -17.59 8.15
CA SER B 251 -12.26 -18.74 8.83
C SER B 251 -13.10 -19.13 10.02
N GLU B 252 -12.72 -20.23 10.67
CA GLU B 252 -13.39 -20.68 11.89
C GLU B 252 -12.81 -20.03 13.14
N ASP B 253 -11.74 -19.26 12.99
CA ASP B 253 -11.05 -18.67 14.14
C ASP B 253 -11.71 -17.35 14.55
N VAL B 254 -13.02 -17.40 14.78
CA VAL B 254 -13.81 -16.22 15.03
C VAL B 254 -14.88 -16.55 16.08
N LYS B 255 -15.34 -15.53 16.78
CA LYS B 255 -16.41 -15.69 17.79
C LYS B 255 -17.77 -15.97 17.13
N LEU B 256 -18.05 -15.24 16.05
CA LEU B 256 -19.31 -15.33 15.31
C LEU B 256 -19.08 -16.04 13.97
N LYS B 257 -19.48 -17.31 13.92
CA LYS B 257 -19.18 -18.15 12.78
C LYS B 257 -20.23 -18.02 11.68
N PHE B 258 -19.87 -18.46 10.47
CA PHE B 258 -20.71 -18.29 9.27
C PHE B 258 -22.13 -18.82 9.47
N GLU B 259 -22.24 -20.05 9.99
CA GLU B 259 -23.55 -20.69 10.15
C GLU B 259 -24.46 -20.05 11.20
N GLU B 260 -23.87 -19.36 12.18
CA GLU B 260 -24.66 -18.57 13.13
C GLU B 260 -25.30 -17.36 12.46
N ILE B 261 -24.54 -16.73 11.55
CA ILE B 261 -25.08 -15.61 10.79
C ILE B 261 -26.16 -16.09 9.82
N THR B 262 -25.86 -17.15 9.06
CA THR B 262 -26.80 -17.64 8.06
C THR B 262 -28.10 -18.10 8.74
N GLY B 263 -27.93 -18.66 9.94
CA GLY B 263 -29.06 -19.10 10.77
C GLY B 263 -30.02 -18.00 11.16
N VAL B 264 -29.56 -16.75 11.25
CA VAL B 264 -30.50 -15.63 11.44
C VAL B 264 -30.94 -14.94 10.13
N ILE B 265 -30.08 -14.95 9.12
CA ILE B 265 -30.44 -14.39 7.80
C ILE B 265 -31.66 -15.10 7.17
N ASN B 266 -31.60 -16.42 7.13
CA ASN B 266 -32.62 -17.20 6.39
C ASN B 266 -34.07 -16.94 6.82
N PRO B 267 -34.39 -16.97 8.13
CA PRO B 267 -35.75 -16.60 8.58
C PRO B 267 -36.15 -15.16 8.22
N ALA B 268 -35.22 -14.23 8.30
CA ALA B 268 -35.50 -12.84 7.92
C ALA B 268 -35.85 -12.73 6.44
N LEU B 269 -35.10 -13.44 5.60
CA LEU B 269 -35.38 -13.48 4.16
C LEU B 269 -36.77 -14.07 3.89
N ASP B 270 -37.11 -15.16 4.57
CA ASP B 270 -38.41 -15.81 4.38
C ASP B 270 -39.57 -14.95 4.88
N LYS B 271 -39.31 -14.22 5.96
CA LYS B 271 -40.30 -13.34 6.56
C LYS B 271 -40.56 -12.11 5.69
N TYR B 272 -39.49 -11.40 5.29
CA TYR B 272 -39.64 -10.12 4.60
C TYR B 272 -39.63 -10.21 3.08
N PHE B 273 -39.01 -11.26 2.56
CA PHE B 273 -38.93 -11.47 1.10
C PHE B 273 -39.23 -12.94 0.76
N PRO B 274 -40.48 -13.38 0.99
CA PRO B 274 -40.81 -14.78 0.69
C PRO B 274 -40.65 -15.08 -0.80
N SER B 275 -40.39 -16.34 -1.14
CA SER B 275 -40.18 -16.71 -2.55
C SER B 275 -41.33 -16.27 -3.47
N ASP B 276 -42.55 -16.20 -2.94
CA ASP B 276 -43.71 -15.78 -3.74
C ASP B 276 -43.74 -14.27 -4.09
N SER B 277 -42.82 -13.49 -3.52
CA SER B 277 -42.72 -12.06 -3.81
C SER B 277 -42.08 -11.73 -5.16
N GLY B 278 -41.49 -12.74 -5.82
CA GLY B 278 -40.76 -12.52 -7.08
C GLY B 278 -39.31 -12.02 -6.92
N VAL B 279 -38.88 -11.85 -5.67
CA VAL B 279 -37.54 -11.34 -5.36
C VAL B 279 -36.38 -12.28 -5.79
N ARG B 280 -35.30 -11.67 -6.31
CA ARG B 280 -34.04 -12.38 -6.48
C ARG B 280 -33.02 -11.89 -5.46
N ILE B 281 -32.50 -12.81 -4.66
CA ILE B 281 -31.58 -12.44 -3.61
C ILE B 281 -30.14 -12.78 -3.99
N ILE B 282 -29.26 -11.79 -3.81
CA ILE B 282 -27.84 -11.94 -4.05
C ILE B 282 -27.07 -11.42 -2.82
N ALA B 283 -25.76 -11.67 -2.80
CA ALA B 283 -24.88 -11.15 -1.76
C ALA B 283 -23.56 -10.82 -2.38
N GLU B 284 -22.71 -10.09 -1.63
CA GLU B 284 -21.40 -9.68 -2.13
C GLU B 284 -20.25 -10.17 -1.24
N PRO B 285 -20.14 -11.49 -0.98
CA PRO B 285 -19.09 -11.90 -0.02
C PRO B 285 -17.68 -11.77 -0.62
N GLY B 286 -16.73 -11.28 0.18
CA GLY B 286 -15.32 -11.26 -0.21
C GLY B 286 -14.57 -12.18 0.73
N ARG B 287 -14.40 -11.71 1.96
CA ARG B 287 -13.61 -12.40 3.00
C ARG B 287 -13.96 -13.90 3.14
N TYR B 288 -15.25 -14.19 3.14
CA TYR B 288 -15.78 -15.56 3.24
C TYR B 288 -15.12 -16.56 2.31
N TYR B 289 -14.94 -16.18 1.03
CA TYR B 289 -14.40 -17.10 0.02
C TYR B 289 -12.90 -17.40 0.11
N VAL B 290 -12.12 -16.44 0.60
CA VAL B 290 -10.66 -16.45 0.42
C VAL B 290 -9.77 -16.46 1.66
N ALA B 291 -10.27 -16.03 2.82
CA ALA B 291 -9.36 -15.83 3.97
C ALA B 291 -8.54 -17.07 4.32
N SER B 292 -9.21 -18.20 4.56
CA SER B 292 -8.55 -19.43 5.03
C SER B 292 -7.75 -20.13 3.93
N ALA B 293 -8.05 -19.82 2.68
CA ALA B 293 -7.37 -20.45 1.54
C ALA B 293 -5.89 -20.11 1.42
N PHE B 294 -5.47 -18.95 1.97
CA PHE B 294 -4.09 -18.49 1.87
C PHE B 294 -3.37 -18.60 3.20
N THR B 295 -2.22 -19.27 3.18
CA THR B 295 -1.30 -19.26 4.32
C THR B 295 0.01 -18.59 3.89
N LEU B 296 0.50 -17.65 4.69
CA LEU B 296 1.74 -16.98 4.38
C LEU B 296 2.91 -17.59 5.16
N ALA B 297 3.99 -17.92 4.45
CA ALA B 297 5.24 -18.33 5.09
C ALA B 297 6.26 -17.18 4.95
N VAL B 298 6.76 -16.69 6.09
CA VAL B 298 7.80 -15.66 6.06
C VAL B 298 9.06 -16.19 6.71
N ASN B 299 10.20 -15.67 6.27
CA ASN B 299 11.48 -16.09 6.85
C ASN B 299 12.00 -15.08 7.85
N ILE B 300 12.54 -15.58 8.96
CA ILE B 300 13.29 -14.73 9.88
C ILE B 300 14.64 -14.40 9.26
N ILE B 301 14.75 -13.13 8.84
CA ILE B 301 15.95 -12.66 8.11
C ILE B 301 16.97 -11.97 9.03
N ALA B 302 16.52 -11.53 10.21
CA ALA B 302 17.40 -10.85 11.17
C ALA B 302 16.88 -11.00 12.60
N LYS B 303 17.75 -10.70 13.56
CA LYS B 303 17.51 -11.10 14.95
C LYS B 303 18.31 -10.23 15.91
N LYS B 304 17.67 -9.75 16.97
CA LYS B 304 18.35 -9.06 18.07
C LYS B 304 17.91 -9.64 19.41
N ILE B 305 18.81 -9.59 20.39
CA ILE B 305 18.50 -9.95 21.78
C ILE B 305 18.52 -8.67 22.59
N VAL B 306 17.46 -8.45 23.37
CA VAL B 306 17.39 -7.30 24.25
C VAL B 306 17.20 -7.86 25.66
N LEU B 307 18.10 -7.47 26.57
CA LEU B 307 18.02 -7.95 27.96
C LEU B 307 17.19 -7.01 28.82
N GLU B 321 15.37 -11.00 32.27
CA GLU B 321 15.32 -12.09 31.29
C GLU B 321 15.52 -11.54 29.88
N GLN B 322 15.97 -12.39 28.97
CA GLN B 322 16.19 -11.98 27.60
C GLN B 322 14.89 -11.99 26.78
N THR B 323 14.76 -10.95 25.97
CA THR B 323 13.65 -10.82 25.02
C THR B 323 14.28 -10.76 23.63
N PHE B 324 13.48 -11.05 22.60
CA PHE B 324 14.01 -11.14 21.23
C PHE B 324 13.20 -10.27 20.27
N MET B 325 13.89 -9.72 19.27
CA MET B 325 13.25 -9.03 18.16
C MET B 325 13.59 -9.81 16.90
N TYR B 326 12.57 -10.26 16.20
CA TYR B 326 12.75 -10.97 14.93
C TYR B 326 12.26 -10.11 13.78
N TYR B 327 13.06 -10.03 12.73
CA TYR B 327 12.68 -9.32 11.51
C TYR B 327 12.35 -10.35 10.43
N VAL B 328 11.22 -10.17 9.77
CA VAL B 328 10.81 -11.11 8.72
C VAL B 328 10.70 -10.40 7.36
N ASN B 329 10.59 -11.17 6.29
CA ASN B 329 10.63 -10.61 4.94
C ASN B 329 9.27 -10.33 4.28
N ASP B 330 8.25 -10.06 5.11
CA ASP B 330 6.99 -9.41 4.69
C ASP B 330 6.58 -8.54 5.88
N GLY B 331 5.83 -7.47 5.63
CA GLY B 331 5.51 -6.54 6.70
C GLY B 331 4.31 -5.69 6.42
N VAL B 332 4.18 -4.58 7.17
N VAL B 332 4.20 -4.58 7.15
CA VAL B 332 2.98 -3.73 7.17
CA VAL B 332 2.98 -3.76 7.17
C VAL B 332 2.75 -2.97 5.86
C VAL B 332 2.75 -2.99 5.87
N TYR B 333 3.81 -2.76 5.09
CA TYR B 333 3.66 -2.13 3.78
C TYR B 333 3.26 -3.17 2.75
N GLY B 334 3.52 -4.44 3.06
CA GLY B 334 3.16 -5.57 2.19
C GLY B 334 1.88 -6.27 2.66
N SER B 335 1.96 -7.59 2.83
CA SER B 335 0.80 -8.40 3.23
C SER B 335 0.12 -7.95 4.53
N PHE B 336 0.93 -7.46 5.48
CA PHE B 336 0.42 -7.10 6.81
C PHE B 336 -0.14 -5.68 6.87
N ASN B 337 -0.36 -5.08 5.70
CA ASN B 337 -1.10 -3.82 5.66
C ASN B 337 -2.45 -4.05 6.34
N CYS B 338 -2.91 -5.29 6.33
CA CYS B 338 -4.18 -5.69 6.95
C CYS B 338 -4.27 -5.31 8.42
N ILE B 339 -3.13 -5.25 9.11
CA ILE B 339 -3.10 -4.78 10.50
C ILE B 339 -3.64 -3.35 10.63
N LEU B 340 -3.32 -2.50 9.65
CA LEU B 340 -3.74 -1.10 9.70
C LEU B 340 -5.08 -0.85 9.03
N TYR B 341 -5.26 -1.44 7.84
CA TYR B 341 -6.46 -1.19 7.06
C TYR B 341 -7.62 -2.11 7.37
N ASP B 342 -7.33 -3.29 7.89
CA ASP B 342 -8.36 -4.29 8.10
C ASP B 342 -8.53 -4.64 9.58
N HIS B 343 -7.81 -3.92 10.45
CA HIS B 343 -7.81 -4.16 11.90
C HIS B 343 -7.54 -5.63 12.24
N ALA B 344 -6.65 -6.23 11.45
CA ALA B 344 -6.35 -7.65 11.58
C ALA B 344 -5.57 -7.94 12.83
N HIS B 345 -5.90 -9.07 13.45
CA HIS B 345 -5.16 -9.58 14.58
C HIS B 345 -4.47 -10.83 14.09
N VAL B 346 -3.18 -10.69 13.76
CA VAL B 346 -2.41 -11.79 13.18
C VAL B 346 -1.76 -12.64 14.27
N LYS B 347 -1.62 -13.92 13.98
CA LYS B 347 -1.19 -14.88 14.97
C LYS B 347 -0.02 -15.67 14.41
N PRO B 348 1.20 -15.39 14.89
CA PRO B 348 2.36 -16.10 14.37
C PRO B 348 2.32 -17.56 14.80
N LEU B 349 2.61 -18.44 13.85
CA LEU B 349 2.59 -19.88 14.10
C LEU B 349 3.96 -20.44 13.78
N LEU B 350 4.42 -21.35 14.64
CA LEU B 350 5.67 -22.05 14.41
C LEU B 350 5.46 -22.99 13.22
N GLN B 351 6.48 -23.23 12.41
CA GLN B 351 6.34 -24.19 11.33
C GLN B 351 6.90 -25.55 11.68
N LYS B 352 7.70 -25.60 12.75
CA LYS B 352 8.17 -26.85 13.33
C LYS B 352 7.75 -26.96 14.79
N ARG B 353 7.35 -28.16 15.19
CA ARG B 353 6.94 -28.40 16.57
C ARG B 353 8.09 -28.18 17.55
N PRO B 354 7.87 -27.35 18.58
CA PRO B 354 8.91 -27.14 19.58
C PRO B 354 9.12 -28.39 20.47
N LYS B 355 10.29 -28.46 21.10
CA LYS B 355 10.58 -29.47 22.11
C LYS B 355 9.64 -29.25 23.29
N PRO B 356 9.19 -30.34 23.94
CA PRO B 356 8.09 -30.25 24.92
C PRO B 356 8.41 -29.44 26.16
N ASP B 357 9.69 -29.32 26.48
CA ASP B 357 10.12 -28.69 27.73
C ASP B 357 10.72 -27.30 27.47
N GLU B 358 11.04 -27.03 26.20
CA GLU B 358 11.94 -25.94 25.86
C GLU B 358 11.27 -24.59 26.06
N LYS B 359 12.09 -23.54 26.18
CA LYS B 359 11.71 -22.35 26.92
C LYS B 359 11.22 -21.26 25.99
N TYR B 360 10.23 -20.50 26.45
CA TYR B 360 9.62 -19.45 25.63
C TYR B 360 10.03 -18.06 26.10
N TYR B 361 10.25 -17.16 25.15
CA TYR B 361 10.67 -15.80 25.46
C TYR B 361 9.68 -14.78 24.93
N SER B 362 9.57 -13.65 25.62
CA SER B 362 8.81 -12.51 25.12
C SER B 362 9.51 -12.00 23.85
N SER B 363 8.74 -11.91 22.77
CA SER B 363 9.29 -11.59 21.44
C SER B 363 8.42 -10.62 20.67
N SER B 364 9.06 -9.83 19.81
CA SER B 364 8.36 -8.96 18.88
C SER B 364 8.75 -9.37 17.47
N ILE B 365 7.86 -9.13 16.51
CA ILE B 365 8.13 -9.48 15.13
C ILE B 365 7.97 -8.24 14.25
N TRP B 366 8.97 -8.02 13.40
CA TRP B 366 9.10 -6.78 12.65
C TRP B 366 9.16 -7.07 11.15
N GLY B 367 8.62 -6.14 10.35
CA GLY B 367 8.72 -6.22 8.89
C GLY B 367 10.09 -5.79 8.38
N PRO B 368 10.34 -5.98 7.07
CA PRO B 368 11.68 -5.79 6.50
C PRO B 368 12.09 -4.33 6.22
N THR B 369 11.14 -3.40 6.27
CA THR B 369 11.42 -2.01 5.86
C THR B 369 12.13 -1.16 6.93
N CYS B 370 12.52 0.04 6.51
CA CYS B 370 13.15 1.06 7.35
C CYS B 370 12.30 1.58 8.51
N ASP B 371 10.98 1.42 8.40
CA ASP B 371 10.03 2.14 9.24
C ASP B 371 9.80 1.47 10.60
N GLY B 372 9.91 2.24 11.69
CA GLY B 372 9.59 1.75 13.04
C GLY B 372 8.13 1.36 13.19
N LEU B 373 7.28 1.89 12.31
CA LEU B 373 5.87 1.56 12.27
C LEU B 373 5.66 0.15 11.69
N ASP B 374 6.67 -0.35 10.99
CA ASP B 374 6.60 -1.67 10.36
C ASP B 374 6.94 -2.75 11.39
N ARG B 375 5.98 -2.98 12.27
CA ARG B 375 6.03 -3.99 13.31
C ARG B 375 4.76 -4.82 13.18
N ILE B 376 4.90 -6.13 13.15
CA ILE B 376 3.80 -7.06 12.90
C ILE B 376 3.18 -7.54 14.21
N VAL B 377 4.04 -7.90 15.17
CA VAL B 377 3.60 -8.35 16.48
C VAL B 377 4.40 -7.61 17.54
N GLU B 378 3.69 -6.82 18.35
CA GLU B 378 4.30 -6.08 19.43
C GLU B 378 4.89 -7.01 20.51
N ARG B 379 4.12 -8.01 20.92
CA ARG B 379 4.55 -8.93 21.98
C ARG B 379 3.88 -10.31 21.86
N CYS B 380 4.70 -11.35 21.79
CA CYS B 380 4.20 -12.73 21.81
C CYS B 380 5.25 -13.62 22.45
N ASP B 381 4.85 -14.82 22.86
CA ASP B 381 5.79 -15.76 23.45
C ASP B 381 6.23 -16.78 22.41
N LEU B 382 7.55 -16.92 22.23
CA LEU B 382 8.10 -17.83 21.23
C LEU B 382 9.32 -18.56 21.79
N PRO B 383 9.60 -19.77 21.29
CA PRO B 383 10.90 -20.35 21.59
C PRO B 383 11.97 -19.45 20.98
N GLU B 384 13.23 -19.63 21.35
CA GLU B 384 14.29 -18.90 20.67
C GLU B 384 14.40 -19.36 19.21
N MET B 385 14.24 -18.40 18.31
CA MET B 385 14.26 -18.67 16.89
C MET B 385 15.59 -18.20 16.35
N HIS B 386 15.91 -18.63 15.13
CA HIS B 386 17.16 -18.28 14.49
C HIS B 386 16.91 -17.78 13.07
N VAL B 387 17.80 -16.93 12.58
CA VAL B 387 17.78 -16.51 11.18
C VAL B 387 17.74 -17.75 10.27
N GLY B 388 16.81 -17.76 9.32
CA GLY B 388 16.59 -18.91 8.46
C GLY B 388 15.35 -19.73 8.80
N ASP B 389 14.88 -19.62 10.05
CA ASP B 389 13.63 -20.26 10.47
C ASP B 389 12.43 -19.57 9.85
N TRP B 390 11.38 -20.34 9.60
CA TRP B 390 10.12 -19.79 9.07
C TRP B 390 9.06 -19.66 10.14
N MET B 391 8.18 -18.67 9.94
CA MET B 391 6.98 -18.54 10.74
C MET B 391 5.80 -18.46 9.77
N LEU B 392 4.65 -18.97 10.23
CA LEU B 392 3.48 -19.08 9.37
C LEU B 392 2.37 -18.21 9.87
N PHE B 393 1.59 -17.70 8.93
CA PHE B 393 0.43 -16.90 9.23
C PHE B 393 -0.73 -17.43 8.38
N GLU B 394 -1.67 -18.08 9.05
CA GLU B 394 -2.85 -18.65 8.40
C GLU B 394 -3.94 -17.60 8.25
N ASN B 395 -4.92 -17.89 7.41
CA ASN B 395 -6.07 -17.01 7.22
C ASN B 395 -5.65 -15.65 6.67
N MET B 396 -4.73 -15.68 5.70
CA MET B 396 -4.15 -14.46 5.15
C MET B 396 -4.61 -14.15 3.70
N GLY B 397 -5.81 -14.60 3.34
CA GLY B 397 -6.31 -14.42 1.98
C GLY B 397 -7.06 -13.14 1.69
N ALA B 398 -7.61 -12.52 2.73
CA ALA B 398 -8.51 -11.38 2.55
C ALA B 398 -7.84 -10.07 2.94
N TYR B 399 -7.95 -9.08 2.06
CA TYR B 399 -7.43 -7.72 2.33
C TYR B 399 -5.97 -7.72 2.75
N THR B 400 -5.18 -8.52 2.03
CA THR B 400 -3.75 -8.64 2.29
C THR B 400 -3.03 -8.29 0.97
N VAL B 401 -2.81 -9.29 0.11
CA VAL B 401 -2.12 -9.06 -1.17
C VAL B 401 -2.74 -7.93 -2.00
N ALA B 402 -4.06 -7.77 -1.86
CA ALA B 402 -4.82 -6.80 -2.64
C ALA B 402 -4.47 -5.34 -2.32
N ALA B 403 -3.87 -5.09 -1.16
CA ALA B 403 -3.51 -3.74 -0.78
C ALA B 403 -2.01 -3.56 -0.47
N ALA B 404 -1.18 -4.51 -0.91
CA ALA B 404 0.26 -4.47 -0.67
C ALA B 404 0.96 -3.49 -1.62
N SER B 405 2.01 -2.85 -1.12
CA SER B 405 2.86 -1.94 -1.92
C SER B 405 4.28 -2.48 -1.97
N THR B 406 5.12 -1.85 -2.79
CA THR B 406 6.53 -2.21 -2.92
C THR B 406 7.44 -1.20 -2.25
N PHE B 407 6.98 -0.59 -1.16
CA PHE B 407 7.81 0.32 -0.38
C PHE B 407 9.15 -0.33 0.03
N ASN B 408 10.23 0.45 -0.05
CA ASN B 408 11.62 -0.03 0.13
C ASN B 408 12.09 -0.95 -0.99
N GLY B 409 11.25 -1.16 -2.00
CA GLY B 409 11.57 -2.04 -3.12
C GLY B 409 11.31 -3.52 -2.89
N PHE B 410 10.70 -3.86 -1.76
CA PHE B 410 10.37 -5.26 -1.50
C PHE B 410 9.20 -5.75 -2.33
N GLN B 411 9.40 -6.87 -3.00
CA GLN B 411 8.44 -7.41 -3.95
C GLN B 411 7.40 -8.27 -3.25
N ARG B 412 6.22 -8.37 -3.86
CA ARG B 412 5.18 -9.22 -3.32
C ARG B 412 5.59 -10.71 -3.34
N PRO B 413 5.29 -11.45 -2.24
CA PRO B 413 5.57 -12.89 -2.22
C PRO B 413 4.81 -13.59 -3.35
N THR B 414 5.47 -14.54 -4.01
CA THR B 414 4.76 -15.32 -5.04
CA THR B 414 4.82 -15.37 -5.03
C THR B 414 3.74 -16.25 -4.39
N ILE B 415 2.65 -16.49 -5.11
CA ILE B 415 1.58 -17.35 -4.60
C ILE B 415 1.64 -18.68 -5.34
N TYR B 416 1.78 -19.76 -4.58
CA TYR B 416 1.75 -21.10 -5.16
C TYR B 416 0.35 -21.69 -4.98
N TYR B 417 -0.36 -21.90 -6.08
CA TYR B 417 -1.69 -22.47 -6.00
C TYR B 417 -1.65 -23.99 -5.98
N VAL B 418 -2.55 -24.57 -5.19
CA VAL B 418 -2.76 -26.02 -5.14
C VAL B 418 -4.24 -26.38 -5.26
N MET B 419 -4.49 -27.59 -5.76
CA MET B 419 -5.85 -28.11 -5.87
C MET B 419 -5.83 -29.63 -5.92
N SER B 420 -6.71 -30.26 -5.14
CA SER B 420 -6.85 -31.71 -5.16
C SER B 420 -7.65 -32.19 -6.37
N GLY B 421 -7.57 -33.48 -6.65
CA GLY B 421 -8.46 -34.13 -7.62
C GLY B 421 -9.93 -33.98 -7.30
N PRO B 422 -10.35 -34.36 -6.07
CA PRO B 422 -11.75 -34.13 -5.69
C PRO B 422 -12.19 -32.67 -5.83
N ALA B 423 -11.28 -31.72 -5.59
CA ALA B 423 -11.60 -30.30 -5.74
C ALA B 423 -11.81 -29.95 -7.22
N TRP B 424 -10.96 -30.46 -8.10
CA TRP B 424 -11.15 -30.23 -9.54
C TRP B 424 -12.52 -30.75 -9.99
N GLN B 425 -12.86 -31.96 -9.54
CA GLN B 425 -14.12 -32.62 -9.87
C GLN B 425 -15.34 -31.83 -9.38
N LEU B 426 -15.26 -31.34 -8.14
CA LEU B 426 -16.28 -30.42 -7.61
C LEU B 426 -16.50 -29.20 -8.51
N MET B 427 -15.40 -28.53 -8.90
CA MET B 427 -15.48 -27.38 -9.80
C MET B 427 -16.18 -27.73 -11.12
N GLN B 428 -15.89 -28.92 -11.65
CA GLN B 428 -16.58 -29.43 -12.84
C GLN B 428 -18.08 -29.61 -12.60
N GLN B 429 -18.42 -30.14 -11.43
CA GLN B 429 -19.81 -30.39 -11.02
C GLN B 429 -20.61 -29.10 -10.93
N PHE B 430 -19.96 -28.02 -10.46
CA PHE B 430 -20.54 -26.68 -10.43
C PHE B 430 -20.71 -26.12 -11.85
N GLN B 431 -19.67 -26.27 -12.67
CA GLN B 431 -19.61 -25.66 -14.01
C GLN B 431 -20.68 -26.15 -15.00
N ASN B 432 -21.26 -27.33 -14.75
CA ASN B 432 -22.47 -27.76 -15.48
C ASN B 432 -23.43 -28.55 -14.62
#